data_1DY7
#
_entry.id   1DY7
#
_cell.length_a   106.940
_cell.length_b   61.040
_cell.length_c   100.390
_cell.angle_alpha   90.00
_cell.angle_beta   111.77
_cell.angle_gamma   90.00
#
_symmetry.space_group_name_H-M   'P 1 21 1'
#
loop_
_entity.id
_entity.type
_entity.pdbx_description
1 polymer 'NITRITE REDUCTASE'
2 non-polymer 'HEME D'
3 non-polymer 'CARBON MONOXIDE'
4 non-polymer GLYCEROL
5 non-polymer 'SULFATE ION'
6 non-polymer 'HEME C'
7 water water
#
_entity_poly.entity_id   1
_entity_poly.type   'polypeptide(L)'
_entity_poly.pdbx_seq_one_letter_code
;QEQVAPPKDPAAALEDHKTRTDNRYEPSLDNLAQQDVAAPGAPEGVSALSDAQYNEANKIYFERCAGCHGVLRKGATGKA
LTPDLTRDLGFDYLQSFITYGSPAGMPNWGTSGELSAEQVDLMANYLLLDPAAPPEFGMKEMRESWKVHVAPEDRPTQQE
NDWDLENLFSVTLRDAGQIALIDGATYEIKSVLDTGYAVHISRLSASGRYLFVIGRDGKVNMIDLWMKEPTTVAEIKIGS
EARSIETSKMEGWEDKYAIAGAYWPPQYVIMDGETLEPKKIQSTRGMTYDEQEYHPEPRVAAILASHYRPEFIVNVKETG
KILLVDYTDLDNLKTTEISAERFLHDGGLDGSHRYFITAANARNKLVVIDTKEGKLVAIEDTGGQTPHPGRGANFVHPTF
GPVWATSHMGDDSVALIGTDPEGHPDNAWKILDSFPALGGGSLFIKTHPNSQYLYVDATLNPEAEISGSVAVFDIKAMTG
DGSDPEFKTLPIAEWAGITEGQPRVVQGEFNKDGTEVWFSVWNGKDQESALVVVDDKTLELKHVIKDERLVTPTGKFNVY
NTMTDTY
;
_entity_poly.pdbx_strand_id   A,B
#
# COMPACT_ATOMS: atom_id res chain seq x y z
N PRO A 134 11.18 -17.02 5.79
CA PRO A 134 11.79 -16.00 6.65
C PRO A 134 10.73 -15.41 7.57
N PRO A 135 11.05 -15.26 8.85
CA PRO A 135 10.09 -14.78 9.83
C PRO A 135 9.70 -13.32 9.66
N GLU A 136 8.44 -13.04 9.95
CA GLU A 136 7.92 -11.68 9.90
C GLU A 136 8.22 -11.06 11.27
N PHE A 137 8.03 -9.75 11.39
CA PHE A 137 8.32 -9.01 12.61
C PHE A 137 7.33 -7.85 12.68
N GLY A 138 6.17 -8.12 13.26
CA GLY A 138 5.08 -7.17 13.35
C GLY A 138 4.92 -6.48 14.68
N MET A 139 3.76 -5.89 14.89
CA MET A 139 3.50 -5.13 16.11
C MET A 139 3.64 -5.95 17.38
N LYS A 140 3.12 -7.18 17.37
CA LYS A 140 3.24 -7.98 18.61
C LYS A 140 4.70 -8.15 18.99
N GLU A 141 5.55 -8.49 18.04
CA GLU A 141 6.97 -8.71 18.20
C GLU A 141 7.70 -7.44 18.61
N MET A 142 7.35 -6.33 17.96
CA MET A 142 7.96 -5.05 18.34
C MET A 142 7.61 -4.63 19.75
N ARG A 143 6.34 -4.75 20.12
CA ARG A 143 5.88 -4.40 21.46
C ARG A 143 6.50 -5.27 22.54
N GLU A 144 6.78 -6.53 22.20
CA GLU A 144 7.41 -7.44 23.16
C GLU A 144 8.84 -7.00 23.42
N SER A 145 9.51 -6.43 22.43
CA SER A 145 10.87 -5.97 22.55
C SER A 145 10.96 -4.55 23.07
N TRP A 146 9.86 -3.83 23.13
CA TRP A 146 9.78 -2.44 23.53
C TRP A 146 9.84 -2.22 25.03
N LYS A 147 10.89 -1.49 25.46
CA LYS A 147 11.07 -1.20 26.87
C LYS A 147 11.35 0.28 27.10
N VAL A 148 10.57 0.88 27.98
CA VAL A 148 10.80 2.29 28.33
C VAL A 148 11.48 2.28 29.70
N HIS A 149 12.78 2.56 29.70
CA HIS A 149 13.54 2.53 30.95
C HIS A 149 13.25 3.74 31.82
N VAL A 150 13.11 4.91 31.21
CA VAL A 150 12.82 6.14 31.93
C VAL A 150 11.63 6.80 31.24
N ALA A 151 10.48 6.78 31.89
CA ALA A 151 9.27 7.39 31.29
C ALA A 151 9.50 8.88 31.12
N PRO A 152 8.86 9.51 30.16
CA PRO A 152 9.01 10.93 29.91
C PRO A 152 8.83 11.79 31.14
N GLU A 153 7.81 11.48 31.96
CA GLU A 153 7.55 12.26 33.17
C GLU A 153 8.65 12.16 34.21
N ASP A 154 9.53 11.16 34.13
CA ASP A 154 10.63 10.97 35.06
C ASP A 154 11.95 11.53 34.55
N ARG A 155 11.92 12.09 33.34
CA ARG A 155 13.12 12.66 32.75
C ARG A 155 13.24 14.13 33.13
N PRO A 156 14.43 14.70 33.00
CA PRO A 156 14.60 16.11 33.30
C PRO A 156 13.78 16.99 32.36
N THR A 157 13.56 18.23 32.80
CA THR A 157 12.85 19.23 32.04
C THR A 157 13.80 20.31 31.53
N GLN A 158 15.08 20.13 31.78
CA GLN A 158 16.16 20.98 31.33
C GLN A 158 17.45 20.16 31.36
N GLN A 159 18.49 20.61 30.67
CA GLN A 159 19.77 19.90 30.66
C GLN A 159 20.36 19.82 32.06
N GLU A 160 20.66 18.62 32.54
CA GLU A 160 21.19 18.45 33.90
C GLU A 160 22.66 18.11 33.95
N ASN A 161 23.35 18.00 32.83
CA ASN A 161 24.79 17.79 32.80
C ASN A 161 25.37 19.12 32.30
N ASP A 162 26.69 19.27 32.34
CA ASP A 162 27.32 20.51 31.90
C ASP A 162 27.99 20.39 30.54
N TRP A 163 27.61 19.36 29.78
CA TRP A 163 28.26 19.09 28.51
C TRP A 163 27.83 20.11 27.46
N ASP A 164 28.64 20.21 26.41
CA ASP A 164 28.31 21.10 25.28
C ASP A 164 27.67 20.15 24.26
N LEU A 165 26.35 19.99 24.41
CA LEU A 165 25.68 18.93 23.66
C LEU A 165 25.75 19.14 22.16
N GLU A 166 25.62 20.37 21.70
CA GLU A 166 25.58 20.56 20.24
C GLU A 166 26.92 20.30 19.62
N ASN A 167 28.02 20.32 20.36
CA ASN A 167 29.35 20.05 19.82
C ASN A 167 29.79 18.62 20.13
N LEU A 168 28.91 17.79 20.69
CA LEU A 168 29.21 16.41 20.96
C LEU A 168 29.23 15.56 19.69
N PHE A 169 30.07 14.54 19.68
CA PHE A 169 30.12 13.60 18.58
C PHE A 169 29.63 12.24 19.09
N SER A 170 28.70 11.62 18.39
CA SER A 170 28.30 10.24 18.71
C SER A 170 29.02 9.28 17.77
N VAL A 171 29.93 8.48 18.31
CA VAL A 171 30.81 7.63 17.55
C VAL A 171 30.53 6.15 17.73
N THR A 172 30.27 5.47 16.61
CA THR A 172 30.01 4.05 16.66
C THR A 172 31.27 3.24 17.02
N LEU A 173 31.13 2.38 17.99
CA LEU A 173 32.20 1.44 18.39
C LEU A 173 31.63 0.10 17.91
N ARG A 174 31.82 -0.14 16.62
CA ARG A 174 31.06 -1.13 15.87
C ARG A 174 30.93 -2.51 16.48
N ASP A 175 32.04 -3.22 16.58
CA ASP A 175 32.04 -4.59 17.08
C ASP A 175 31.88 -4.72 18.57
N ALA A 176 31.92 -3.61 19.30
CA ALA A 176 31.69 -3.62 20.74
C ALA A 176 30.21 -3.46 21.07
N GLY A 177 29.40 -3.12 20.07
CA GLY A 177 27.97 -2.91 20.35
C GLY A 177 27.81 -1.74 21.30
N GLN A 178 28.60 -0.68 21.08
CA GLN A 178 28.58 0.50 21.91
C GLN A 178 28.70 1.75 21.04
N ILE A 179 28.48 2.91 21.65
CA ILE A 179 28.81 4.18 21.06
C ILE A 179 29.59 4.99 22.10
N ALA A 180 30.43 5.91 21.64
CA ALA A 180 31.12 6.84 22.52
C ALA A 180 30.57 8.25 22.27
N LEU A 181 30.31 8.97 23.33
CA LEU A 181 29.93 10.38 23.25
C LEU A 181 31.18 11.20 23.56
N ILE A 182 31.68 11.92 22.57
CA ILE A 182 32.98 12.60 22.68
C ILE A 182 32.84 14.10 22.54
N ASP A 183 33.44 14.86 23.47
CA ASP A 183 33.43 16.32 23.47
C ASP A 183 34.16 16.81 22.21
N GLY A 184 33.45 17.61 21.41
CA GLY A 184 33.99 18.10 20.15
C GLY A 184 35.14 19.08 20.29
N ALA A 185 35.31 19.70 21.46
CA ALA A 185 36.39 20.66 21.65
C ALA A 185 37.57 20.12 22.43
N THR A 186 37.29 19.34 23.45
CA THR A 186 38.33 18.82 24.33
C THR A 186 38.79 17.42 23.97
N TYR A 187 38.01 16.71 23.17
CA TYR A 187 38.24 15.37 22.69
C TYR A 187 38.15 14.33 23.81
N GLU A 188 37.55 14.73 24.93
CA GLU A 188 37.30 13.84 26.04
C GLU A 188 36.13 12.90 25.73
N ILE A 189 36.33 11.62 26.02
CA ILE A 189 35.21 10.66 25.87
C ILE A 189 34.39 10.87 27.12
N LYS A 190 33.22 11.44 26.97
CA LYS A 190 32.34 11.75 28.09
C LYS A 190 31.60 10.52 28.62
N SER A 191 31.31 9.58 27.71
CA SER A 191 30.59 8.38 28.08
C SER A 191 30.71 7.34 26.99
N VAL A 192 30.64 6.07 27.36
CA VAL A 192 30.54 4.94 26.45
C VAL A 192 29.27 4.17 26.84
N LEU A 193 28.34 4.04 25.92
CA LEU A 193 27.04 3.44 26.18
C LEU A 193 26.82 2.16 25.40
N ASP A 194 26.13 1.21 26.02
CA ASP A 194 25.78 -0.05 25.38
C ASP A 194 24.60 0.15 24.42
N THR A 195 24.71 -0.45 23.25
CA THR A 195 23.69 -0.29 22.20
C THR A 195 23.47 -1.64 21.53
N GLY A 196 22.74 -1.62 20.41
CA GLY A 196 22.64 -2.85 19.62
C GLY A 196 24.02 -3.07 18.97
N TYR A 197 24.21 -4.28 18.46
CA TYR A 197 25.47 -4.63 17.81
C TYR A 197 25.64 -3.87 16.51
N ALA A 198 26.86 -3.38 16.30
CA ALA A 198 27.23 -2.69 15.08
C ALA A 198 26.22 -1.64 14.65
N VAL A 199 26.03 -0.65 15.53
CA VAL A 199 25.22 0.51 15.17
C VAL A 199 25.65 0.99 13.80
N HIS A 200 24.67 1.28 12.95
CA HIS A 200 24.99 1.74 11.60
C HIS A 200 25.09 3.25 11.55
N ILE A 201 24.16 3.95 12.20
CA ILE A 201 24.22 5.41 12.25
C ILE A 201 23.57 5.89 13.55
N SER A 202 23.97 7.10 13.92
CA SER A 202 23.33 7.90 14.94
C SER A 202 22.55 9.03 14.28
N ARG A 203 21.37 9.32 14.80
CA ARG A 203 20.58 10.44 14.35
C ARG A 203 20.05 11.20 15.56
N LEU A 204 19.88 12.52 15.44
CA LEU A 204 19.44 13.37 16.51
C LEU A 204 18.03 13.90 16.29
N SER A 205 17.29 14.07 17.37
CA SER A 205 15.96 14.69 17.25
C SER A 205 16.23 16.14 16.85
N ALA A 206 15.24 16.83 16.32
CA ALA A 206 15.36 18.19 15.85
C ALA A 206 15.74 19.17 16.94
N SER A 207 15.39 18.89 18.19
CA SER A 207 15.79 19.78 19.29
C SER A 207 17.19 19.52 19.78
N GLY A 208 17.78 18.40 19.36
CA GLY A 208 19.10 18.00 19.80
C GLY A 208 19.11 17.29 21.14
N ARG A 209 17.95 17.06 21.73
CA ARG A 209 17.93 16.43 23.05
C ARG A 209 18.11 14.92 22.99
N TYR A 210 17.46 14.30 22.00
CA TYR A 210 17.42 12.86 21.91
C TYR A 210 18.26 12.29 20.80
N LEU A 211 19.09 11.32 21.18
CA LEU A 211 20.00 10.58 20.33
C LEU A 211 19.44 9.19 20.05
N PHE A 212 19.30 8.88 18.77
CA PHE A 212 18.76 7.62 18.31
C PHE A 212 19.83 6.86 17.56
N VAL A 213 19.98 5.57 17.90
CA VAL A 213 20.93 4.73 17.19
C VAL A 213 20.20 3.44 16.79
N ILE A 214 20.61 2.89 15.67
CA ILE A 214 20.07 1.60 15.22
C ILE A 214 21.21 0.66 14.87
N GLY A 215 21.12 -0.56 15.42
CA GLY A 215 22.09 -1.61 15.12
C GLY A 215 21.69 -2.35 13.85
N ARG A 216 22.65 -3.03 13.22
CA ARG A 216 22.37 -3.75 11.98
C ARG A 216 21.39 -4.91 12.20
N ASP A 217 21.23 -5.36 13.42
CA ASP A 217 20.31 -6.36 13.90
C ASP A 217 18.87 -5.87 14.07
N GLY A 218 18.63 -4.57 13.94
CA GLY A 218 17.29 -4.03 14.07
C GLY A 218 16.96 -3.41 15.41
N LYS A 219 17.91 -3.40 16.35
CA LYS A 219 17.70 -2.82 17.66
C LYS A 219 17.94 -1.31 17.67
N VAL A 220 16.96 -0.58 18.17
CA VAL A 220 16.99 0.86 18.31
C VAL A 220 17.12 1.28 19.77
N ASN A 221 18.04 2.18 20.09
CA ASN A 221 18.17 2.76 21.40
C ASN A 221 17.95 4.28 21.28
N MET A 222 17.24 4.84 22.22
CA MET A 222 16.97 6.26 22.36
C MET A 222 17.58 6.74 23.68
N ILE A 223 18.45 7.72 23.59
CA ILE A 223 19.24 8.24 24.68
C ILE A 223 18.89 9.70 24.96
N ASP A 224 18.69 10.03 26.22
CA ASP A 224 18.36 11.39 26.63
C ASP A 224 19.61 12.13 27.05
N LEU A 225 20.06 13.05 26.21
CA LEU A 225 21.27 13.83 26.44
C LEU A 225 21.13 14.85 27.55
N TRP A 226 19.93 15.07 28.08
CA TRP A 226 19.75 16.03 29.16
C TRP A 226 20.01 15.41 30.53
N MET A 227 20.07 14.10 30.63
CA MET A 227 20.28 13.48 31.94
C MET A 227 21.65 13.82 32.48
N LYS A 228 21.73 13.82 33.82
CA LYS A 228 23.03 14.04 34.48
C LYS A 228 24.02 13.03 33.95
N GLU A 229 23.60 11.77 33.80
CA GLU A 229 24.32 10.70 33.16
C GLU A 229 23.47 10.13 32.02
N PRO A 230 23.67 10.67 30.81
CA PRO A 230 22.92 10.18 29.66
C PRO A 230 23.01 8.68 29.52
N THR A 231 21.86 8.10 29.17
CA THR A 231 21.72 6.67 29.00
C THR A 231 20.51 6.36 28.13
N THR A 232 20.34 5.09 27.88
CA THR A 232 19.18 4.64 27.09
C THR A 232 17.91 4.83 27.91
N VAL A 233 16.95 5.59 27.37
CA VAL A 233 15.69 5.80 28.07
C VAL A 233 14.60 4.91 27.48
N ALA A 234 14.80 4.42 26.26
CA ALA A 234 13.86 3.52 25.62
C ALA A 234 14.57 2.72 24.52
N GLU A 235 14.12 1.48 24.31
CA GLU A 235 14.67 0.66 23.22
C GLU A 235 13.53 -0.12 22.57
N ILE A 236 13.78 -0.60 21.36
CA ILE A 236 12.80 -1.41 20.64
C ILE A 236 13.52 -2.10 19.50
N LYS A 237 13.03 -3.25 19.05
CA LYS A 237 13.53 -3.97 17.90
C LYS A 237 12.51 -3.82 16.77
N ILE A 238 12.96 -3.48 15.56
CA ILE A 238 11.99 -3.19 14.49
C ILE A 238 12.04 -4.16 13.32
N GLY A 239 12.95 -5.12 13.37
CA GLY A 239 13.09 -6.13 12.34
C GLY A 239 14.33 -7.00 12.64
N SER A 240 14.76 -7.77 11.65
CA SER A 240 15.90 -8.64 11.84
C SER A 240 17.17 -8.08 11.21
N GLU A 241 17.04 -7.18 10.26
CA GLU A 241 18.16 -6.57 9.55
C GLU A 241 17.74 -5.13 9.26
N ALA A 242 18.55 -4.16 9.64
CA ALA A 242 18.17 -2.76 9.45
C ALA A 242 19.38 -1.86 9.38
N ARG A 243 19.23 -0.74 8.68
CA ARG A 243 20.29 0.22 8.53
C ARG A 243 19.91 1.67 8.77
N SER A 244 18.63 2.02 8.77
CA SER A 244 18.29 3.43 8.86
C SER A 244 17.29 3.82 9.93
N ILE A 245 17.51 5.04 10.42
CA ILE A 245 16.63 5.69 11.39
C ILE A 245 16.69 7.20 11.14
N GLU A 246 15.59 7.90 11.43
CA GLU A 246 15.58 9.35 11.24
C GLU A 246 14.52 9.95 12.17
N THR A 247 14.63 11.24 12.41
CA THR A 247 13.73 11.97 13.28
C THR A 247 12.94 13.02 12.52
N SER A 248 11.78 13.42 13.03
CA SER A 248 10.96 14.43 12.32
C SER A 248 11.61 15.80 12.34
N LYS A 249 11.75 16.43 11.17
CA LYS A 249 12.47 17.69 11.04
C LYS A 249 11.67 18.84 10.46
N MET A 250 10.35 18.69 10.33
CA MET A 250 9.54 19.83 9.89
C MET A 250 9.34 20.75 11.09
N GLU A 251 9.43 22.06 10.85
CA GLU A 251 9.15 23.05 11.90
C GLU A 251 7.77 22.78 12.50
N GLY A 252 7.74 22.70 13.83
CA GLY A 252 6.52 22.44 14.58
C GLY A 252 6.39 20.99 15.02
N TRP A 253 7.18 20.11 14.41
CA TRP A 253 7.14 18.68 14.66
C TRP A 253 8.41 18.18 15.35
N GLU A 254 9.13 19.10 16.00
CA GLU A 254 10.35 18.72 16.71
C GLU A 254 10.03 17.71 17.79
N ASP A 255 10.83 16.64 17.82
CA ASP A 255 10.75 15.55 18.73
C ASP A 255 9.50 14.70 18.69
N LYS A 256 8.62 14.85 17.69
CA LYS A 256 7.36 14.15 17.68
C LYS A 256 7.53 12.68 17.30
N TYR A 257 8.34 12.42 16.26
CA TYR A 257 8.44 11.07 15.73
C TYR A 257 9.86 10.67 15.35
N ALA A 258 10.08 9.37 15.36
CA ALA A 258 11.25 8.72 14.83
C ALA A 258 10.74 7.66 13.86
N ILE A 259 11.52 7.31 12.87
CA ILE A 259 11.18 6.30 11.89
C ILE A 259 12.39 5.40 11.66
N ALA A 260 12.15 4.09 11.55
CA ALA A 260 13.24 3.18 11.26
C ALA A 260 12.89 2.34 10.04
N GLY A 261 13.90 1.97 9.28
CA GLY A 261 13.66 1.15 8.08
C GLY A 261 14.44 -0.16 8.21
N ALA A 262 13.84 -1.23 7.69
CA ALA A 262 14.48 -2.52 7.73
C ALA A 262 14.72 -3.08 6.32
N TYR A 263 15.75 -3.89 6.22
CA TYR A 263 16.11 -4.73 5.12
C TYR A 263 15.23 -5.97 5.24
N TRP A 264 15.12 -6.52 6.44
CA TRP A 264 14.21 -7.65 6.65
C TRP A 264 13.38 -7.37 7.87
N PRO A 265 12.15 -7.79 7.97
CA PRO A 265 11.13 -7.73 6.95
C PRO A 265 11.24 -6.45 6.15
N PRO A 266 10.76 -6.41 4.91
CA PRO A 266 10.74 -5.21 4.10
C PRO A 266 9.65 -4.28 4.64
N GLN A 267 10.04 -3.36 5.50
CA GLN A 267 9.09 -2.49 6.17
C GLN A 267 9.78 -1.29 6.82
N TYR A 268 8.97 -0.29 7.13
CA TYR A 268 9.44 0.84 7.93
C TYR A 268 8.43 0.99 9.08
N VAL A 269 8.87 1.62 10.15
CA VAL A 269 7.98 1.86 11.28
C VAL A 269 8.19 3.26 11.82
N ILE A 270 7.05 3.91 12.05
CA ILE A 270 7.00 5.22 12.66
C ILE A 270 6.76 5.07 14.14
N MET A 271 7.61 5.62 14.98
CA MET A 271 7.56 5.46 16.42
C MET A 271 7.38 6.79 17.11
N ASP A 272 6.78 6.74 18.30
CA ASP A 272 6.66 7.97 19.11
C ASP A 272 8.06 8.51 19.41
N GLY A 273 8.27 9.80 19.23
CA GLY A 273 9.55 10.43 19.44
C GLY A 273 10.04 10.54 20.86
N GLU A 274 9.14 10.35 21.82
CA GLU A 274 9.53 10.39 23.23
C GLU A 274 9.63 9.02 23.86
N THR A 275 8.92 8.02 23.37
CA THR A 275 8.89 6.71 24.03
C THR A 275 9.34 5.55 23.18
N LEU A 276 9.41 5.74 21.85
CA LEU A 276 9.67 4.72 20.86
C LEU A 276 8.46 3.78 20.65
N GLU A 277 7.30 4.10 21.23
CA GLU A 277 6.13 3.26 20.98
C GLU A 277 5.91 3.12 19.48
N PRO A 278 5.77 1.89 18.98
CA PRO A 278 5.56 1.64 17.56
C PRO A 278 4.14 2.02 17.20
N LYS A 279 4.00 3.02 16.33
CA LYS A 279 2.69 3.55 15.96
C LYS A 279 2.16 3.09 14.62
N LYS A 280 3.03 2.98 13.63
CA LYS A 280 2.58 2.63 12.29
C LYS A 280 3.66 1.86 11.55
N ILE A 281 3.33 0.63 11.20
CA ILE A 281 4.25 -0.22 10.46
C ILE A 281 3.74 -0.31 9.02
N GLN A 282 4.59 -0.07 8.06
CA GLN A 282 4.24 -0.14 6.65
C GLN A 282 5.14 -1.11 5.89
N SER A 283 4.52 -2.06 5.22
CA SER A 283 5.27 -2.98 4.36
C SER A 283 5.74 -2.26 3.09
N THR A 284 6.92 -2.63 2.61
CA THR A 284 7.44 -2.06 1.38
C THR A 284 7.40 -3.08 0.26
N ARG A 285 6.84 -4.25 0.53
CA ARG A 285 6.63 -5.20 -0.58
C ARG A 285 5.73 -4.55 -1.60
N GLY A 286 5.97 -4.77 -2.89
CA GLY A 286 5.16 -4.16 -3.92
C GLY A 286 5.77 -4.29 -5.30
N MET A 287 5.28 -3.50 -6.22
CA MET A 287 5.71 -3.54 -7.61
C MET A 287 6.89 -2.67 -7.93
N THR A 288 7.76 -3.16 -8.79
CA THR A 288 8.89 -2.40 -9.32
C THR A 288 8.34 -1.25 -10.14
N TYR A 289 9.02 -0.10 -10.12
CA TYR A 289 8.48 1.07 -10.81
C TYR A 289 8.43 0.94 -12.33
N ASP A 290 9.40 0.26 -12.92
CA ASP A 290 9.55 0.19 -14.37
C ASP A 290 8.86 -0.99 -15.03
N GLU A 291 9.24 -2.18 -14.61
CA GLU A 291 8.65 -3.38 -15.21
C GLU A 291 7.29 -3.69 -14.61
N GLN A 292 6.99 -3.08 -13.47
CA GLN A 292 5.78 -3.31 -12.72
C GLN A 292 5.51 -4.81 -12.51
N GLU A 293 6.44 -5.42 -11.82
CA GLU A 293 6.36 -6.80 -11.38
C GLU A 293 6.51 -6.81 -9.86
N TYR A 294 5.81 -7.74 -9.22
CA TYR A 294 5.85 -7.89 -7.80
C TYR A 294 7.24 -8.28 -7.30
N HIS A 295 7.70 -7.58 -6.28
CA HIS A 295 8.99 -7.86 -5.66
C HIS A 295 8.76 -8.17 -4.19
N PRO A 296 9.16 -9.37 -3.76
CA PRO A 296 8.93 -9.85 -2.42
C PRO A 296 9.92 -9.35 -1.37
N GLU A 297 10.93 -8.61 -1.79
CA GLU A 297 11.93 -8.13 -0.85
C GLU A 297 12.53 -6.78 -1.14
N PRO A 298 11.73 -5.71 -1.10
CA PRO A 298 12.23 -4.36 -1.36
C PRO A 298 12.72 -3.71 -0.08
N ARG A 299 14.03 -3.73 0.12
CA ARG A 299 14.69 -3.24 1.32
C ARG A 299 14.57 -1.73 1.49
N VAL A 300 14.40 -1.29 2.71
CA VAL A 300 14.44 0.16 2.99
C VAL A 300 15.91 0.56 3.19
N ALA A 301 16.30 1.55 2.41
CA ALA A 301 17.68 2.08 2.44
C ALA A 301 17.62 3.39 3.20
N ALA A 302 18.16 4.48 2.69
CA ALA A 302 18.19 5.72 3.48
C ALA A 302 16.79 6.24 3.79
N ILE A 303 16.72 6.88 4.96
CA ILE A 303 15.51 7.58 5.38
C ILE A 303 15.96 9.00 5.78
N LEU A 304 15.36 10.01 5.17
CA LEU A 304 15.62 11.41 5.52
C LEU A 304 14.30 12.06 5.97
N ALA A 305 14.39 13.31 6.41
CA ALA A 305 13.18 14.00 6.87
C ALA A 305 13.04 15.30 6.15
N SER A 306 11.84 15.58 5.65
CA SER A 306 11.60 16.82 4.95
C SER A 306 11.65 18.03 5.88
N HIS A 307 12.14 19.13 5.34
CA HIS A 307 12.12 20.43 6.02
C HIS A 307 10.99 21.30 5.47
N TYR A 308 10.33 20.86 4.41
CA TYR A 308 9.29 21.60 3.72
C TYR A 308 7.89 21.14 4.09
N ARG A 309 7.70 19.86 4.35
CA ARG A 309 6.40 19.31 4.75
C ARG A 309 6.67 18.32 5.89
N PRO A 310 5.66 18.02 6.70
CA PRO A 310 5.75 17.09 7.81
C PRO A 310 5.73 15.67 7.26
N GLU A 311 6.85 15.31 6.64
CA GLU A 311 7.04 14.07 5.94
C GLU A 311 8.41 13.43 6.18
N PHE A 312 8.43 12.10 6.10
CA PHE A 312 9.67 11.33 6.06
C PHE A 312 9.88 10.96 4.59
N ILE A 313 11.12 10.82 4.18
CA ILE A 313 11.56 10.50 2.83
C ILE A 313 12.20 9.11 2.91
N VAL A 314 11.53 8.13 2.33
CA VAL A 314 11.96 6.74 2.45
C VAL A 314 12.36 6.13 1.12
N ASN A 315 13.61 5.67 1.03
CA ASN A 315 14.08 5.00 -0.17
C ASN A 315 13.76 3.50 -0.08
N VAL A 316 13.08 3.02 -1.11
CA VAL A 316 12.78 1.59 -1.24
C VAL A 316 13.60 1.07 -2.42
N LYS A 317 14.64 0.33 -2.07
CA LYS A 317 15.67 -0.11 -2.98
C LYS A 317 15.23 -0.87 -4.21
N GLU A 318 14.76 -2.10 -4.04
CA GLU A 318 14.55 -2.96 -5.18
C GLU A 318 13.40 -2.58 -6.10
N THR A 319 12.44 -1.82 -5.59
CA THR A 319 11.31 -1.39 -6.42
C THR A 319 11.55 -0.02 -7.04
N GLY A 320 12.57 0.69 -6.52
CA GLY A 320 12.92 2.00 -7.06
C GLY A 320 11.84 3.05 -6.82
N LYS A 321 11.34 3.04 -5.60
CA LYS A 321 10.34 4.02 -5.19
C LYS A 321 10.83 4.85 -4.01
N ILE A 322 10.60 6.14 -4.11
CA ILE A 322 10.88 7.06 -2.99
C ILE A 322 9.52 7.42 -2.40
N LEU A 323 9.33 7.16 -1.11
CA LEU A 323 8.07 7.43 -0.44
C LEU A 323 8.15 8.69 0.41
N LEU A 324 7.18 9.56 0.22
CA LEU A 324 7.02 10.76 1.06
C LEU A 324 5.85 10.41 1.97
N VAL A 325 6.13 10.18 3.23
CA VAL A 325 5.18 9.72 4.22
C VAL A 325 4.78 10.83 5.18
N ASP A 326 3.54 11.26 5.10
CA ASP A 326 3.06 12.37 5.93
C ASP A 326 2.67 11.87 7.30
N TYR A 327 3.35 12.33 8.35
CA TYR A 327 3.13 11.89 9.70
C TYR A 327 2.17 12.73 10.54
N THR A 328 1.39 13.57 9.85
CA THR A 328 0.42 14.41 10.53
C THR A 328 -0.83 13.61 10.92
N ASP A 329 -1.06 12.49 10.24
CA ASP A 329 -2.20 11.65 10.54
C ASP A 329 -1.82 10.22 10.21
N LEU A 330 -1.60 9.40 11.25
CA LEU A 330 -1.15 8.05 11.01
C LEU A 330 -2.28 7.08 10.75
N ASP A 331 -3.53 7.50 10.96
CA ASP A 331 -4.67 6.64 10.75
C ASP A 331 -5.20 6.81 9.32
N ASN A 332 -5.24 8.04 8.86
CA ASN A 332 -5.62 8.38 7.48
C ASN A 332 -4.30 8.78 6.81
N LEU A 333 -3.53 7.74 6.47
CA LEU A 333 -2.14 7.93 6.10
C LEU A 333 -1.92 8.36 4.67
N LYS A 334 -1.44 9.58 4.51
CA LYS A 334 -1.09 10.10 3.22
C LYS A 334 0.36 9.81 2.84
N THR A 335 0.52 9.21 1.67
CA THR A 335 1.84 8.98 1.13
C THR A 335 1.90 9.37 -0.35
N THR A 336 3.10 9.67 -0.82
CA THR A 336 3.35 9.89 -2.24
C THR A 336 4.40 8.83 -2.61
N GLU A 337 4.06 7.94 -3.52
CA GLU A 337 4.99 6.88 -3.93
C GLU A 337 5.56 7.32 -5.26
N ILE A 338 6.79 7.78 -5.23
CA ILE A 338 7.46 8.33 -6.40
C ILE A 338 8.25 7.27 -7.15
N SER A 339 7.87 7.03 -8.40
CA SER A 339 8.64 6.16 -9.29
C SER A 339 9.97 6.88 -9.60
N ALA A 340 11.05 6.19 -9.30
CA ALA A 340 12.40 6.77 -9.46
C ALA A 340 13.30 5.90 -10.30
N GLU A 341 14.26 5.24 -9.69
CA GLU A 341 15.16 4.31 -10.37
C GLU A 341 15.46 3.20 -9.36
N ARG A 342 15.68 1.97 -9.86
CA ARG A 342 15.95 0.87 -8.95
C ARG A 342 17.33 1.08 -8.34
N PHE A 343 17.52 0.42 -7.21
CA PHE A 343 18.75 0.36 -6.46
C PHE A 343 19.09 1.63 -5.71
N LEU A 344 18.04 2.31 -5.28
CA LEU A 344 18.17 3.48 -4.41
C LEU A 344 18.90 3.04 -3.14
N HIS A 345 19.79 3.92 -2.69
CA HIS A 345 20.57 3.63 -1.50
C HIS A 345 20.62 4.85 -0.60
N ASP A 346 21.71 5.61 -0.66
CA ASP A 346 21.86 6.79 0.18
C ASP A 346 21.67 8.10 -0.57
N GLY A 347 21.69 9.21 0.18
CA GLY A 347 21.48 10.51 -0.47
C GLY A 347 21.31 11.59 0.59
N GLY A 348 21.16 12.83 0.08
CA GLY A 348 21.02 13.96 1.01
C GLY A 348 20.21 15.07 0.37
N LEU A 349 19.90 16.04 1.22
CA LEU A 349 19.23 17.24 0.74
C LEU A 349 20.26 18.24 0.21
N ASP A 350 19.83 19.06 -0.73
CA ASP A 350 20.69 20.14 -1.22
C ASP A 350 20.84 21.18 -0.11
N GLY A 351 21.57 22.24 -0.43
CA GLY A 351 21.89 23.28 0.55
C GLY A 351 20.65 23.99 1.07
N SER A 352 19.63 24.14 0.22
CA SER A 352 18.40 24.79 0.57
C SER A 352 17.48 23.89 1.36
N HIS A 353 17.79 22.59 1.39
CA HIS A 353 17.01 21.58 2.06
C HIS A 353 15.68 21.29 1.37
N ARG A 354 15.57 21.66 0.10
CA ARG A 354 14.34 21.46 -0.63
C ARG A 354 14.36 20.19 -1.47
N TYR A 355 15.50 19.88 -2.07
CA TYR A 355 15.60 18.76 -3.01
C TYR A 355 16.39 17.62 -2.42
N PHE A 356 15.84 16.41 -2.58
CA PHE A 356 16.49 15.19 -2.14
C PHE A 356 17.21 14.58 -3.33
N ILE A 357 18.51 14.36 -3.21
CA ILE A 357 19.36 13.85 -4.27
C ILE A 357 19.89 12.50 -3.78
N THR A 358 19.54 11.42 -4.47
CA THR A 358 19.89 10.10 -3.97
C THR A 358 20.47 9.23 -5.06
N ALA A 359 21.39 8.36 -4.65
CA ALA A 359 22.02 7.44 -5.59
C ALA A 359 21.22 6.19 -5.83
N ALA A 360 20.84 5.90 -7.07
CA ALA A 360 20.36 4.56 -7.45
C ALA A 360 21.71 3.95 -7.81
N ASN A 361 22.49 3.50 -6.83
CA ASN A 361 23.86 3.11 -7.11
C ASN A 361 24.20 2.11 -8.19
N ALA A 362 23.51 0.97 -8.27
CA ALA A 362 23.85 -0.02 -9.29
C ALA A 362 23.56 0.43 -10.71
N ARG A 363 22.79 1.48 -10.92
CA ARG A 363 22.46 2.01 -12.23
C ARG A 363 23.20 3.31 -12.51
N ASN A 364 24.12 3.68 -11.61
CA ASN A 364 24.95 4.86 -11.68
C ASN A 364 24.18 6.15 -11.87
N LYS A 365 23.00 6.28 -11.26
CA LYS A 365 22.21 7.49 -11.44
C LYS A 365 21.98 8.28 -10.16
N LEU A 366 21.72 9.57 -10.35
CA LEU A 366 21.30 10.42 -9.24
C LEU A 366 19.84 10.82 -9.51
N VAL A 367 19.00 10.52 -8.52
CA VAL A 367 17.59 10.85 -8.63
C VAL A 367 17.33 12.09 -7.79
N VAL A 368 16.60 13.05 -8.34
CA VAL A 368 16.29 14.29 -7.64
C VAL A 368 14.79 14.43 -7.46
N ILE A 369 14.36 14.63 -6.23
CA ILE A 369 12.93 14.80 -5.96
C ILE A 369 12.74 16.17 -5.30
N ASP A 370 11.67 16.85 -5.67
CA ASP A 370 11.32 18.12 -5.04
C ASP A 370 10.44 17.81 -3.85
N THR A 371 10.96 18.05 -2.65
CA THR A 371 10.21 17.72 -1.43
C THR A 371 9.05 18.68 -1.17
N LYS A 372 9.11 19.87 -1.77
CA LYS A 372 8.05 20.85 -1.60
C LYS A 372 6.83 20.46 -2.43
N GLU A 373 7.09 20.09 -3.68
CA GLU A 373 5.99 19.75 -4.61
C GLU A 373 5.70 18.26 -4.62
N GLY A 374 6.53 17.42 -4.01
CA GLY A 374 6.30 16.00 -3.92
C GLY A 374 6.40 15.28 -5.24
N LYS A 375 7.42 15.58 -6.05
CA LYS A 375 7.53 15.02 -7.39
C LYS A 375 8.99 14.82 -7.83
N LEU A 376 9.19 13.82 -8.67
CA LEU A 376 10.47 13.61 -9.31
C LEU A 376 10.76 14.80 -10.21
N VAL A 377 12.02 15.25 -10.18
CA VAL A 377 12.49 16.35 -10.99
C VAL A 377 13.53 15.93 -12.02
N ALA A 378 14.40 14.97 -11.71
CA ALA A 378 15.45 14.58 -12.63
C ALA A 378 16.09 13.27 -12.27
N ILE A 379 16.61 12.58 -13.27
CA ILE A 379 17.40 11.36 -13.10
C ILE A 379 18.61 11.50 -14.02
N GLU A 380 19.82 11.49 -13.50
CA GLU A 380 21.00 11.72 -14.36
C GLU A 380 22.12 10.75 -14.00
N ASP A 381 22.81 10.30 -15.04
CA ASP A 381 23.94 9.38 -14.86
C ASP A 381 25.16 10.19 -14.46
N THR A 382 25.92 9.76 -13.45
CA THR A 382 27.05 10.50 -12.97
C THR A 382 28.29 10.35 -13.85
N GLY A 383 28.28 9.34 -14.71
CA GLY A 383 29.47 9.06 -15.53
C GLY A 383 30.43 8.17 -14.76
N GLY A 384 30.15 7.85 -13.51
CA GLY A 384 31.02 7.02 -12.70
C GLY A 384 30.33 5.72 -12.35
N GLN A 385 31.05 4.85 -11.65
CA GLN A 385 30.52 3.56 -11.30
C GLN A 385 30.21 3.52 -9.81
N THR A 386 28.92 3.31 -9.54
CA THR A 386 28.39 3.13 -8.20
C THR A 386 28.58 4.34 -7.29
N PRO A 387 27.84 5.40 -7.61
CA PRO A 387 27.84 6.58 -6.75
C PRO A 387 27.44 6.19 -5.33
N HIS A 388 28.17 6.74 -4.38
CA HIS A 388 27.95 6.48 -2.96
C HIS A 388 28.22 7.78 -2.18
N PRO A 389 27.21 8.63 -2.09
CA PRO A 389 27.37 9.92 -1.48
C PRO A 389 27.41 9.98 0.04
N GLY A 390 26.84 9.03 0.76
CA GLY A 390 26.41 9.29 2.13
C GLY A 390 25.27 10.32 1.97
N ARG A 391 25.32 11.40 2.75
CA ARG A 391 24.40 12.51 2.59
C ARG A 391 24.97 13.51 1.59
N GLY A 392 26.19 13.27 1.09
CA GLY A 392 26.76 14.13 0.07
C GLY A 392 27.41 15.40 0.61
N ALA A 393 27.80 16.26 -0.33
CA ALA A 393 28.48 17.50 0.03
C ALA A 393 27.98 18.68 -0.77
N ASN A 394 27.36 19.63 -0.04
CA ASN A 394 26.84 20.81 -0.73
C ASN A 394 27.84 21.96 -0.60
N PHE A 395 28.10 22.66 -1.70
CA PHE A 395 28.97 23.83 -1.62
C PHE A 395 28.67 24.74 -2.79
N VAL A 396 29.24 25.94 -2.71
CA VAL A 396 29.06 26.91 -3.78
C VAL A 396 30.29 26.87 -4.66
N HIS A 397 30.08 26.32 -5.87
CA HIS A 397 31.23 26.24 -6.78
C HIS A 397 31.49 27.63 -7.32
N PRO A 398 32.74 28.09 -7.41
CA PRO A 398 33.03 29.42 -7.92
C PRO A 398 32.46 29.75 -9.29
N THR A 399 32.35 28.77 -10.17
CA THR A 399 31.82 29.04 -11.50
C THR A 399 30.37 28.59 -11.66
N PHE A 400 30.11 27.37 -11.19
CA PHE A 400 28.80 26.76 -11.36
C PHE A 400 27.70 27.18 -10.40
N GLY A 401 28.01 27.75 -9.26
CA GLY A 401 27.02 28.09 -8.26
C GLY A 401 26.81 26.87 -7.33
N PRO A 402 25.71 26.88 -6.59
CA PRO A 402 25.37 25.81 -5.68
C PRO A 402 25.38 24.46 -6.39
N VAL A 403 26.13 23.53 -5.80
CA VAL A 403 26.25 22.15 -6.28
C VAL A 403 26.21 21.17 -5.10
N TRP A 404 25.92 19.92 -5.41
CA TRP A 404 26.05 18.81 -4.48
C TRP A 404 26.98 17.80 -5.17
N ALA A 405 27.87 17.23 -4.38
CA ALA A 405 28.86 16.28 -4.85
C ALA A 405 28.73 14.91 -4.21
N THR A 406 29.16 13.95 -5.02
CA THR A 406 29.27 12.57 -4.61
C THR A 406 30.56 11.94 -5.15
N SER A 407 31.10 11.02 -4.37
CA SER A 407 32.20 10.18 -4.84
C SER A 407 31.59 8.82 -5.14
N HIS A 408 32.40 7.88 -5.57
CA HIS A 408 31.97 6.58 -6.07
C HIS A 408 32.72 5.40 -5.48
N MET A 409 32.02 4.29 -5.30
CA MET A 409 32.67 3.08 -4.79
C MET A 409 33.44 2.34 -5.88
N GLY A 410 32.93 2.39 -7.11
CA GLY A 410 33.46 1.67 -8.25
C GLY A 410 34.53 2.34 -9.06
N ASP A 411 34.86 3.59 -8.80
CA ASP A 411 35.94 4.29 -9.50
C ASP A 411 36.36 5.50 -8.67
N ASP A 412 37.39 6.20 -9.11
CA ASP A 412 37.93 7.31 -8.34
C ASP A 412 37.25 8.63 -8.60
N SER A 413 36.09 8.63 -9.26
CA SER A 413 35.51 9.91 -9.65
C SER A 413 34.64 10.59 -8.61
N VAL A 414 34.65 11.90 -8.71
CA VAL A 414 33.80 12.79 -7.93
C VAL A 414 32.92 13.51 -8.95
N ALA A 415 31.60 13.53 -8.75
CA ALA A 415 30.71 14.20 -9.71
C ALA A 415 29.98 15.34 -9.01
N LEU A 416 29.69 16.41 -9.75
CA LEU A 416 28.97 17.55 -9.22
C LEU A 416 27.67 17.75 -9.97
N ILE A 417 26.59 18.00 -9.24
CA ILE A 417 25.29 18.29 -9.87
C ILE A 417 24.84 19.67 -9.43
N GLY A 418 24.33 20.49 -10.36
CA GLY A 418 23.84 21.83 -10.03
C GLY A 418 22.55 21.71 -9.23
N THR A 419 22.39 22.56 -8.20
CA THR A 419 21.22 22.43 -7.35
C THR A 419 20.41 23.69 -7.19
N ASP A 420 20.49 24.59 -8.18
CA ASP A 420 19.82 25.89 -8.06
C ASP A 420 19.00 26.24 -9.29
N PRO A 421 17.80 25.69 -9.37
CA PRO A 421 16.93 25.98 -10.50
C PRO A 421 16.55 27.45 -10.61
N GLU A 422 16.44 28.18 -9.51
CA GLU A 422 16.02 29.58 -9.60
C GLU A 422 17.14 30.49 -10.04
N GLY A 423 18.30 30.35 -9.43
CA GLY A 423 19.46 31.16 -9.68
C GLY A 423 20.40 30.78 -10.79
N HIS A 424 20.52 29.49 -11.09
CA HIS A 424 21.43 28.94 -12.09
C HIS A 424 20.66 27.87 -12.88
N PRO A 425 19.59 28.26 -13.56
CA PRO A 425 18.71 27.33 -14.24
C PRO A 425 19.38 26.44 -15.26
N ASP A 426 20.36 26.95 -15.97
CA ASP A 426 21.04 26.17 -17.00
C ASP A 426 21.91 25.08 -16.41
N ASN A 427 22.30 25.20 -15.16
CA ASN A 427 23.14 24.22 -14.50
C ASN A 427 22.32 23.25 -13.64
N ALA A 428 21.06 23.56 -13.38
CA ALA A 428 20.29 22.76 -12.46
C ALA A 428 20.04 21.34 -12.91
N TRP A 429 20.36 20.41 -12.01
CA TRP A 429 20.14 18.98 -12.21
C TRP A 429 20.93 18.41 -13.38
N LYS A 430 22.02 19.06 -13.75
CA LYS A 430 22.95 18.57 -14.74
C LYS A 430 24.26 18.19 -14.05
N ILE A 431 24.89 17.14 -14.57
CA ILE A 431 26.20 16.73 -14.06
C ILE A 431 27.20 17.71 -14.69
N LEU A 432 27.79 18.57 -13.88
CA LEU A 432 28.57 19.69 -14.38
C LEU A 432 30.05 19.41 -14.51
N ASP A 433 30.50 18.45 -13.73
CA ASP A 433 31.94 18.11 -13.73
C ASP A 433 32.10 16.75 -13.07
N SER A 434 33.19 16.09 -13.44
CA SER A 434 33.57 14.77 -12.95
C SER A 434 35.11 14.76 -12.94
N PHE A 435 35.71 14.39 -11.82
CA PHE A 435 37.18 14.42 -11.76
C PHE A 435 37.66 13.41 -10.75
N PRO A 436 38.89 12.94 -10.90
CA PRO A 436 39.43 11.95 -10.00
C PRO A 436 39.88 12.44 -8.64
N ALA A 437 39.73 11.54 -7.67
CA ALA A 437 40.23 11.73 -6.32
C ALA A 437 41.32 10.69 -6.06
N LEU A 438 41.45 10.14 -4.87
CA LEU A 438 42.52 9.20 -4.59
C LEU A 438 42.49 7.85 -5.26
N GLY A 439 41.31 7.25 -5.35
CA GLY A 439 41.16 5.94 -5.92
C GLY A 439 39.73 5.47 -5.72
N GLY A 440 39.41 4.30 -6.26
CA GLY A 440 38.13 3.68 -6.07
C GLY A 440 37.95 3.25 -4.62
N GLY A 441 36.74 2.81 -4.32
CA GLY A 441 36.36 2.35 -2.99
C GLY A 441 36.01 3.50 -2.05
N SER A 442 35.63 4.63 -2.62
CA SER A 442 35.25 5.77 -1.78
C SER A 442 33.85 5.56 -1.20
N LEU A 443 33.65 6.06 0.02
CA LEU A 443 32.33 5.96 0.63
C LEU A 443 31.76 7.31 0.97
N PHE A 444 32.59 8.24 1.43
CA PHE A 444 32.08 9.51 1.92
C PHE A 444 32.84 10.72 1.44
N ILE A 445 32.07 11.74 1.10
CA ILE A 445 32.51 13.05 0.67
C ILE A 445 31.99 14.09 1.67
N LYS A 446 32.78 15.10 1.98
CA LYS A 446 32.35 16.03 3.02
C LYS A 446 32.88 17.43 2.85
N THR A 447 32.03 18.36 3.30
CA THR A 447 32.40 19.76 3.39
C THR A 447 31.51 20.42 4.42
N HIS A 448 31.69 21.71 4.63
CA HIS A 448 30.89 22.49 5.56
C HIS A 448 30.83 23.91 5.05
N PRO A 449 29.77 24.66 5.30
CA PRO A 449 29.69 26.05 4.88
C PRO A 449 30.88 26.91 5.27
N ASN A 450 31.54 26.68 6.40
CA ASN A 450 32.68 27.48 6.81
C ASN A 450 34.03 27.02 6.27
N SER A 451 34.09 25.93 5.54
CA SER A 451 35.28 25.37 4.96
C SER A 451 35.42 25.68 3.48
N GLN A 452 36.66 25.82 3.00
CA GLN A 452 36.91 25.96 1.58
C GLN A 452 37.31 24.62 0.95
N TYR A 453 37.21 23.53 1.71
CA TYR A 453 37.71 22.23 1.32
C TYR A 453 36.66 21.15 1.15
N LEU A 454 36.95 20.25 0.21
CA LEU A 454 36.10 19.12 -0.12
C LEU A 454 36.93 17.87 0.13
N TYR A 455 36.52 17.09 1.13
CA TYR A 455 37.25 15.89 1.53
C TYR A 455 36.63 14.62 0.99
N VAL A 456 37.45 13.71 0.47
CA VAL A 456 36.97 12.47 -0.13
C VAL A 456 37.79 11.28 0.33
N ASP A 457 37.14 10.31 1.00
CA ASP A 457 37.88 9.13 1.47
C ASP A 457 37.91 8.07 0.36
N ALA A 458 38.60 6.96 0.67
CA ALA A 458 38.79 5.86 -0.26
C ALA A 458 38.83 4.56 0.54
N THR A 459 37.93 4.47 1.51
CA THR A 459 37.84 3.44 2.50
C THR A 459 38.02 2.02 2.03
N LEU A 460 37.33 1.64 0.98
CA LEU A 460 37.34 0.27 0.50
C LEU A 460 38.42 -0.04 -0.50
N ASN A 461 39.30 0.89 -0.82
CA ASN A 461 40.41 0.62 -1.75
C ASN A 461 41.26 -0.51 -1.18
N PRO A 462 41.63 -1.46 -2.03
CA PRO A 462 42.47 -2.57 -1.58
C PRO A 462 43.87 -2.16 -1.19
N GLU A 463 44.36 -1.05 -1.70
CA GLU A 463 45.70 -0.58 -1.38
C GLU A 463 45.71 0.19 -0.07
N ALA A 464 46.46 -0.30 0.92
CA ALA A 464 46.51 0.35 2.23
C ALA A 464 46.91 1.80 2.20
N GLU A 465 47.85 2.20 1.34
CA GLU A 465 48.28 3.57 1.22
C GLU A 465 47.13 4.48 0.75
N ILE A 466 46.20 3.94 -0.03
CA ILE A 466 45.06 4.75 -0.48
C ILE A 466 43.94 4.72 0.54
N SER A 467 43.59 3.56 1.05
CA SER A 467 42.52 3.46 2.05
C SER A 467 42.86 4.19 3.34
N GLY A 468 44.13 4.37 3.67
CA GLY A 468 44.56 5.10 4.84
C GLY A 468 44.72 6.60 4.63
N SER A 469 44.27 7.13 3.48
CA SER A 469 44.44 8.56 3.21
C SER A 469 43.15 9.17 2.72
N VAL A 470 43.14 10.50 2.67
CA VAL A 470 41.97 11.25 2.19
C VAL A 470 42.44 12.31 1.20
N ALA A 471 41.62 12.53 0.17
CA ALA A 471 41.87 13.56 -0.82
C ALA A 471 41.17 14.83 -0.39
N VAL A 472 41.84 15.98 -0.55
CA VAL A 472 41.21 17.24 -0.18
C VAL A 472 41.38 18.26 -1.32
N PHE A 473 40.25 18.71 -1.85
CA PHE A 473 40.20 19.68 -2.93
C PHE A 473 39.92 21.06 -2.35
N ASP A 474 40.57 22.05 -2.96
CA ASP A 474 40.33 23.45 -2.62
C ASP A 474 39.21 23.98 -3.49
N ILE A 475 38.03 24.15 -2.87
CA ILE A 475 36.87 24.64 -3.59
C ILE A 475 37.11 26.02 -4.22
N LYS A 476 37.83 26.88 -3.52
CA LYS A 476 38.09 28.22 -4.04
C LYS A 476 38.89 28.19 -5.35
N ALA A 477 39.72 27.18 -5.56
CA ALA A 477 40.52 27.07 -6.76
C ALA A 477 39.77 26.41 -7.92
N MET A 478 38.57 25.87 -7.70
CA MET A 478 37.87 25.20 -8.80
C MET A 478 37.36 26.21 -9.83
N THR A 479 37.62 25.92 -11.11
CA THR A 479 37.19 26.83 -12.16
C THR A 479 36.13 26.18 -13.03
N GLY A 480 36.03 24.86 -13.01
CA GLY A 480 35.07 24.16 -13.86
C GLY A 480 35.44 24.36 -15.33
N ASP A 481 36.75 24.37 -15.62
CA ASP A 481 37.21 24.54 -16.99
C ASP A 481 37.37 23.21 -17.72
N GLY A 482 37.11 22.10 -17.04
CA GLY A 482 37.24 20.79 -17.66
C GLY A 482 38.51 20.05 -17.27
N SER A 483 39.45 20.77 -16.65
CA SER A 483 40.68 20.13 -16.20
C SER A 483 40.34 19.38 -14.90
N ASP A 484 41.29 18.61 -14.40
CA ASP A 484 41.04 17.87 -13.16
C ASP A 484 41.63 18.67 -12.01
N PRO A 485 40.80 19.14 -11.09
CA PRO A 485 41.27 19.90 -9.95
C PRO A 485 42.34 19.12 -9.20
N GLU A 486 43.37 19.81 -8.73
CA GLU A 486 44.38 19.10 -7.95
C GLU A 486 43.82 18.87 -6.56
N PHE A 487 44.38 17.89 -5.85
CA PHE A 487 43.99 17.67 -4.47
C PHE A 487 45.26 17.42 -3.64
N LYS A 488 45.12 17.68 -2.36
CA LYS A 488 46.18 17.39 -1.40
C LYS A 488 45.83 16.01 -0.82
N THR A 489 46.81 15.20 -0.49
CA THR A 489 46.57 13.89 0.10
C THR A 489 46.95 13.95 1.58
N LEU A 490 45.98 13.76 2.46
CA LEU A 490 46.24 13.77 3.89
C LEU A 490 46.49 12.33 4.30
N PRO A 491 47.62 12.08 4.97
CA PRO A 491 47.97 10.73 5.40
C PRO A 491 47.39 10.44 6.75
N ILE A 492 46.05 10.38 6.82
CA ILE A 492 45.33 10.19 8.06
C ILE A 492 45.75 8.98 8.87
N ALA A 493 45.88 7.79 8.30
CA ALA A 493 46.29 6.63 9.09
C ALA A 493 47.73 6.80 9.60
N GLU A 494 48.61 7.36 8.76
CA GLU A 494 49.99 7.62 9.19
C GLU A 494 49.99 8.55 10.39
N TRP A 495 49.19 9.61 10.35
CA TRP A 495 49.06 10.57 11.41
C TRP A 495 48.58 9.94 12.73
N ALA A 496 47.78 8.88 12.64
CA ALA A 496 47.30 8.16 13.79
C ALA A 496 48.37 7.26 14.41
N GLY A 497 49.44 7.00 13.69
CA GLY A 497 50.55 6.18 14.17
C GLY A 497 50.16 4.76 14.52
N ILE A 498 49.54 4.03 13.60
CA ILE A 498 49.17 2.64 13.91
C ILE A 498 50.08 1.63 13.26
N THR A 499 50.83 0.86 14.07
CA THR A 499 51.76 -0.13 13.56
C THR A 499 51.11 -1.32 12.89
N GLU A 500 50.12 -1.93 13.55
CA GLU A 500 49.52 -3.15 13.02
C GLU A 500 48.40 -2.96 12.01
N GLY A 501 48.33 -3.96 11.13
CA GLY A 501 47.32 -4.01 10.10
C GLY A 501 47.40 -2.86 9.11
N GLN A 502 46.28 -2.73 8.38
CA GLN A 502 46.05 -1.77 7.32
C GLN A 502 44.68 -1.12 7.54
N PRO A 503 44.63 -0.25 8.53
CA PRO A 503 43.38 0.38 8.92
C PRO A 503 42.79 1.19 7.78
N ARG A 504 41.46 1.22 7.79
CA ARG A 504 40.75 1.98 6.74
C ARG A 504 40.25 3.31 7.28
N VAL A 505 40.52 4.38 6.56
CA VAL A 505 40.03 5.69 6.97
C VAL A 505 38.64 5.86 6.39
N VAL A 506 37.72 6.35 7.22
CA VAL A 506 36.34 6.49 6.77
C VAL A 506 35.62 7.65 7.43
N GLN A 507 34.86 8.31 6.59
CA GLN A 507 33.85 9.32 6.87
C GLN A 507 34.26 10.57 7.61
N GLY A 508 34.46 11.64 6.85
CA GLY A 508 34.67 12.95 7.47
C GLY A 508 33.37 13.42 8.16
N GLU A 509 33.53 14.08 9.29
CA GLU A 509 32.43 14.69 10.02
C GLU A 509 32.97 15.96 10.69
N PHE A 510 32.31 17.10 10.49
CA PHE A 510 32.77 18.34 11.09
C PHE A 510 32.22 18.58 12.48
N ASN A 511 32.92 19.44 13.24
CA ASN A 511 32.37 19.98 14.48
C ASN A 511 31.30 21.03 14.15
N LYS A 512 30.62 21.53 15.17
CA LYS A 512 29.53 22.48 15.04
C LYS A 512 29.98 23.76 14.37
N ASP A 513 31.18 24.23 14.70
CA ASP A 513 31.68 25.46 14.09
C ASP A 513 32.21 25.25 12.68
N GLY A 514 32.34 24.02 12.20
CA GLY A 514 32.88 23.79 10.87
C GLY A 514 34.35 24.16 10.74
N THR A 515 35.09 24.02 11.83
CA THR A 515 36.51 24.40 11.85
C THR A 515 37.42 23.20 11.91
N GLU A 516 36.90 22.03 12.29
CA GLU A 516 37.65 20.82 12.42
C GLU A 516 36.87 19.65 11.82
N VAL A 517 37.56 18.71 11.20
CA VAL A 517 36.93 17.56 10.59
C VAL A 517 37.57 16.27 11.11
N TRP A 518 36.73 15.36 11.54
CA TRP A 518 37.16 14.10 12.12
C TRP A 518 37.03 12.95 11.13
N PHE A 519 37.99 12.02 11.19
CA PHE A 519 37.98 10.81 10.41
C PHE A 519 38.20 9.61 11.34
N SER A 520 37.56 8.50 11.03
CA SER A 520 37.83 7.29 11.78
C SER A 520 38.95 6.51 11.10
N VAL A 521 39.81 5.95 11.93
CA VAL A 521 40.89 5.06 11.48
C VAL A 521 40.52 3.68 12.01
N TRP A 522 39.79 2.96 11.16
CA TRP A 522 39.09 1.74 11.49
C TRP A 522 39.92 0.49 11.31
N ASN A 523 40.32 -0.07 12.44
CA ASN A 523 41.08 -1.33 12.45
C ASN A 523 40.21 -2.40 13.09
N GLY A 524 40.67 -3.64 13.12
CA GLY A 524 39.92 -4.75 13.69
C GLY A 524 39.68 -4.64 15.17
N LYS A 525 38.75 -5.44 15.69
CA LYS A 525 38.32 -5.41 17.08
C LYS A 525 39.47 -5.64 18.07
N ASP A 526 40.42 -6.48 17.72
CA ASP A 526 41.56 -6.77 18.59
C ASP A 526 42.80 -6.00 18.17
N GLN A 527 42.61 -4.97 17.36
CA GLN A 527 43.69 -4.12 16.87
C GLN A 527 43.48 -2.67 17.31
N GLU A 528 44.49 -1.86 17.05
CA GLU A 528 44.53 -0.46 17.43
C GLU A 528 43.86 0.44 16.40
N SER A 529 42.85 1.18 16.88
CA SER A 529 42.15 2.13 16.04
C SER A 529 42.36 3.54 16.61
N ALA A 530 41.77 4.52 15.93
CA ALA A 530 41.89 5.89 16.35
C ALA A 530 40.88 6.77 15.61
N LEU A 531 40.69 7.95 16.14
CA LEU A 531 40.02 9.03 15.45
C LEU A 531 41.09 10.10 15.20
N VAL A 532 41.05 10.71 14.03
CA VAL A 532 42.01 11.76 13.69
C VAL A 532 41.25 13.06 13.41
N VAL A 533 41.63 14.11 14.12
CA VAL A 533 40.99 15.41 13.98
C VAL A 533 41.92 16.33 13.19
N VAL A 534 41.39 16.87 12.11
CA VAL A 534 42.10 17.76 11.21
C VAL A 534 41.65 19.21 11.38
N ASP A 535 42.62 20.12 11.45
CA ASP A 535 42.33 21.55 11.53
C ASP A 535 41.96 21.95 10.11
N ASP A 536 40.70 22.26 9.84
CA ASP A 536 40.25 22.58 8.49
C ASP A 536 40.90 23.81 7.87
N LYS A 537 41.25 24.83 8.65
CA LYS A 537 41.85 26.00 8.02
C LYS A 537 43.23 25.71 7.41
N THR A 538 44.02 24.94 8.14
CA THR A 538 45.39 24.64 7.70
C THR A 538 45.64 23.31 7.05
N LEU A 539 44.75 22.34 7.20
CA LEU A 539 44.86 20.99 6.72
C LEU A 539 45.98 20.23 7.46
N GLU A 540 46.20 20.65 8.69
CA GLU A 540 47.22 20.02 9.52
C GLU A 540 46.55 19.16 10.60
N LEU A 541 47.32 18.23 11.12
CA LEU A 541 46.84 17.38 12.20
C LEU A 541 46.56 18.22 13.42
N LYS A 542 45.39 18.05 14.03
CA LYS A 542 44.99 18.74 15.23
C LYS A 542 45.08 17.84 16.46
N HIS A 543 44.57 16.61 16.35
CA HIS A 543 44.56 15.72 17.50
C HIS A 543 44.34 14.28 17.10
N VAL A 544 44.92 13.36 17.83
CA VAL A 544 44.73 11.92 17.63
C VAL A 544 44.03 11.39 18.86
N ILE A 545 42.86 10.79 18.69
CA ILE A 545 42.08 10.20 19.76
C ILE A 545 42.32 8.71 19.80
N LYS A 546 42.93 8.23 20.89
CA LYS A 546 43.11 6.80 21.09
C LYS A 546 42.64 6.49 22.52
N ASP A 547 41.99 5.38 22.72
CA ASP A 547 41.54 4.94 24.02
C ASP A 547 41.33 3.45 23.90
N GLU A 548 41.58 2.68 24.98
CA GLU A 548 41.31 1.25 24.92
C GLU A 548 39.85 0.95 24.59
N ARG A 549 38.92 1.83 24.93
CA ARG A 549 37.50 1.64 24.67
C ARG A 549 37.13 1.94 23.21
N LEU A 550 38.01 2.56 22.45
CA LEU A 550 37.71 2.96 21.07
C LEU A 550 37.90 1.82 20.10
N VAL A 551 36.95 0.89 20.17
CA VAL A 551 37.01 -0.35 19.40
C VAL A 551 36.27 -0.19 18.09
N THR A 552 36.94 -0.47 16.99
CA THR A 552 36.37 -0.39 15.64
C THR A 552 35.47 0.81 15.43
N PRO A 553 36.04 2.00 15.54
CA PRO A 553 35.30 3.23 15.31
C PRO A 553 34.96 3.38 13.85
N THR A 554 33.67 3.64 13.59
CA THR A 554 33.18 3.81 12.23
C THR A 554 32.45 5.13 12.11
N GLY A 555 31.11 5.15 12.09
CA GLY A 555 30.42 6.42 11.91
C GLY A 555 30.58 7.38 13.09
N LYS A 556 30.66 8.67 12.77
CA LYS A 556 30.76 9.74 13.74
C LYS A 556 29.73 10.81 13.37
N PHE A 557 28.93 11.24 14.34
CA PHE A 557 27.88 12.23 14.05
C PHE A 557 27.91 13.35 15.08
N ASN A 558 28.20 14.54 14.58
CA ASN A 558 28.15 15.74 15.42
C ASN A 558 26.68 16.07 15.66
N VAL A 559 26.33 16.35 16.91
CA VAL A 559 24.94 16.60 17.26
C VAL A 559 24.33 17.71 16.42
N TYR A 560 24.97 18.88 16.40
CA TYR A 560 24.42 20.01 15.67
C TYR A 560 24.29 19.77 14.17
N ASN A 561 25.33 19.24 13.53
CA ASN A 561 25.29 19.03 12.09
C ASN A 561 24.32 17.94 11.67
N THR A 562 24.04 17.00 12.57
CA THR A 562 23.05 15.95 12.30
C THR A 562 21.63 16.44 12.53
N MET A 563 21.42 17.18 13.63
CA MET A 563 20.05 17.67 13.88
C MET A 563 19.58 18.67 12.83
N THR A 564 20.49 19.43 12.25
CA THR A 564 20.18 20.44 11.27
C THR A 564 20.41 20.02 9.83
N ASP A 565 20.89 18.80 9.59
CA ASP A 565 21.21 18.46 8.19
C ASP A 565 22.18 19.45 7.57
N THR A 566 23.28 19.77 8.25
CA THR A 566 24.29 20.66 7.71
C THR A 566 25.42 19.83 7.08
N TYR A 567 25.40 19.77 5.76
CA TYR A 567 26.37 19.04 4.97
C TYR A 567 26.35 19.53 3.52
N LEU B 32 -6.85 -20.55 -11.06
CA LEU B 32 -5.77 -21.26 -10.40
C LEU B 32 -5.97 -22.78 -10.42
N ALA B 33 -7.23 -23.18 -10.42
CA ALA B 33 -7.60 -24.59 -10.43
C ALA B 33 -7.22 -25.30 -11.71
N GLN B 34 -7.34 -24.61 -12.85
CA GLN B 34 -7.04 -25.20 -14.15
C GLN B 34 -5.54 -25.22 -14.43
N GLN B 35 -4.74 -24.58 -13.59
CA GLN B 35 -3.30 -24.55 -13.73
C GLN B 35 -2.67 -25.89 -13.35
N ASP B 36 -1.79 -26.38 -14.21
CA ASP B 36 -1.12 -27.65 -13.96
C ASP B 36 0.15 -27.45 -13.16
N VAL B 37 0.30 -28.17 -12.05
CA VAL B 37 1.45 -27.99 -11.17
C VAL B 37 2.28 -29.26 -11.00
N ALA B 38 3.45 -29.08 -10.41
CA ALA B 38 4.37 -30.20 -10.15
C ALA B 38 4.09 -30.80 -8.78
N ALA B 39 4.15 -32.12 -8.68
CA ALA B 39 3.93 -32.75 -7.37
C ALA B 39 5.18 -32.57 -6.52
N PRO B 40 5.03 -31.92 -5.37
CA PRO B 40 6.15 -31.74 -4.46
C PRO B 40 6.48 -33.06 -3.78
N GLY B 41 7.75 -33.23 -3.39
CA GLY B 41 8.10 -34.47 -2.69
C GLY B 41 7.52 -34.33 -1.28
N ALA B 42 7.51 -35.41 -0.51
CA ALA B 42 7.01 -35.32 0.86
C ALA B 42 8.19 -35.39 1.84
N PRO B 43 8.17 -34.52 2.85
CA PRO B 43 9.19 -34.48 3.87
C PRO B 43 8.98 -35.56 4.92
N GLU B 44 9.86 -35.57 5.91
CA GLU B 44 9.80 -36.58 6.95
C GLU B 44 8.44 -36.69 7.60
N GLY B 45 7.93 -37.91 7.71
CA GLY B 45 6.66 -38.17 8.37
C GLY B 45 5.43 -37.87 7.57
N VAL B 46 5.59 -37.64 6.27
CA VAL B 46 4.49 -37.34 5.36
C VAL B 46 4.58 -38.29 4.16
N SER B 47 3.45 -38.71 3.62
CA SER B 47 3.42 -39.59 2.46
C SER B 47 3.17 -38.79 1.19
N ALA B 48 3.80 -39.21 0.09
CA ALA B 48 3.70 -38.49 -1.17
C ALA B 48 2.51 -38.86 -2.02
N LEU B 49 2.16 -37.90 -2.88
CA LEU B 49 1.11 -38.07 -3.88
C LEU B 49 1.76 -38.14 -5.26
N SER B 50 1.16 -38.93 -6.16
CA SER B 50 1.69 -38.98 -7.52
C SER B 50 1.37 -37.66 -8.22
N ASP B 51 1.96 -37.45 -9.39
CA ASP B 51 1.68 -36.24 -10.16
C ASP B 51 0.18 -36.12 -10.42
N ALA B 52 -0.46 -37.18 -10.88
CA ALA B 52 -1.89 -37.18 -11.16
C ALA B 52 -2.71 -36.94 -9.89
N GLN B 53 -2.36 -37.59 -8.79
CA GLN B 53 -3.06 -37.41 -7.54
C GLN B 53 -2.94 -35.97 -7.03
N TYR B 54 -1.73 -35.42 -7.06
CA TYR B 54 -1.49 -34.07 -6.60
C TYR B 54 -2.20 -33.05 -7.49
N ASN B 55 -2.20 -33.22 -8.80
CA ASN B 55 -2.92 -32.26 -9.66
C ASN B 55 -4.42 -32.38 -9.44
N GLU B 56 -4.95 -33.58 -9.20
CA GLU B 56 -6.37 -33.73 -8.90
C GLU B 56 -6.71 -32.99 -7.61
N ALA B 57 -5.85 -33.10 -6.61
CA ALA B 57 -6.10 -32.43 -5.33
C ALA B 57 -5.97 -30.92 -5.46
N ASN B 58 -5.00 -30.48 -6.24
CA ASN B 58 -4.76 -29.05 -6.44
C ASN B 58 -5.95 -28.40 -7.13
N LYS B 59 -6.52 -29.08 -8.13
CA LYS B 59 -7.70 -28.54 -8.82
C LYS B 59 -8.84 -28.42 -7.82
N ILE B 60 -9.07 -29.47 -7.02
CA ILE B 60 -10.13 -29.43 -6.02
C ILE B 60 -9.86 -28.29 -5.05
N TYR B 61 -8.61 -28.14 -4.57
CA TYR B 61 -8.34 -27.07 -3.62
C TYR B 61 -8.79 -25.70 -4.15
N PHE B 62 -8.34 -25.38 -5.35
CA PHE B 62 -8.68 -24.04 -5.89
C PHE B 62 -10.11 -23.92 -6.33
N GLU B 63 -10.77 -24.99 -6.77
CA GLU B 63 -12.17 -24.86 -7.19
C GLU B 63 -13.14 -24.82 -6.03
N ARG B 64 -12.82 -25.57 -4.97
CA ARG B 64 -13.71 -25.70 -3.84
C ARG B 64 -13.29 -25.24 -2.48
N CYS B 65 -12.00 -25.04 -2.20
CA CYS B 65 -11.56 -24.76 -0.86
C CYS B 65 -10.96 -23.38 -0.64
N ALA B 66 -10.28 -22.87 -1.66
CA ALA B 66 -9.55 -21.61 -1.56
C ALA B 66 -10.46 -20.42 -1.32
N GLY B 67 -11.71 -20.53 -1.72
CA GLY B 67 -12.69 -19.47 -1.50
C GLY B 67 -12.88 -19.19 -0.02
N CYS B 68 -12.64 -20.13 0.89
CA CYS B 68 -12.67 -19.88 2.31
C CYS B 68 -11.32 -20.00 3.01
N HIS B 69 -10.44 -20.86 2.51
CA HIS B 69 -9.15 -21.07 3.17
C HIS B 69 -7.99 -20.25 2.64
N GLY B 70 -8.21 -19.58 1.53
CA GLY B 70 -7.21 -18.73 0.90
C GLY B 70 -6.39 -19.39 -0.17
N VAL B 71 -5.90 -18.61 -1.13
CA VAL B 71 -5.06 -19.14 -2.18
C VAL B 71 -3.77 -19.69 -1.61
N LEU B 72 -3.20 -19.00 -0.63
CA LEU B 72 -1.96 -19.35 0.02
C LEU B 72 -2.14 -20.27 1.21
N ARG B 73 -3.37 -20.64 1.52
CA ARG B 73 -3.81 -21.47 2.61
C ARG B 73 -3.56 -20.81 3.97
N LYS B 74 -3.50 -19.48 3.99
CA LYS B 74 -3.28 -18.74 5.22
C LYS B 74 -4.55 -18.51 6.00
N GLY B 75 -5.71 -18.85 5.44
CA GLY B 75 -6.99 -18.75 6.09
C GLY B 75 -7.71 -17.43 5.86
N ALA B 76 -9.02 -17.51 5.69
CA ALA B 76 -9.88 -16.35 5.49
C ALA B 76 -11.14 -16.60 6.30
N THR B 77 -12.24 -17.05 5.69
CA THR B 77 -13.40 -17.45 6.51
C THR B 77 -13.03 -18.76 7.22
N GLY B 78 -12.31 -19.61 6.50
CA GLY B 78 -11.83 -20.87 7.05
C GLY B 78 -10.43 -20.76 7.64
N LYS B 79 -10.05 -21.67 8.51
CA LYS B 79 -8.75 -21.68 9.16
C LYS B 79 -7.55 -21.86 8.24
N ALA B 80 -6.38 -21.43 8.73
CA ALA B 80 -5.14 -21.58 8.01
C ALA B 80 -4.83 -23.08 7.85
N LEU B 81 -4.34 -23.45 6.67
CA LEU B 81 -4.03 -24.83 6.33
C LEU B 81 -2.63 -24.99 5.79
N THR B 82 -1.65 -24.22 6.28
CA THR B 82 -0.26 -24.36 5.89
C THR B 82 0.37 -25.56 6.56
N PRO B 83 1.38 -26.18 5.95
CA PRO B 83 2.02 -27.38 6.46
C PRO B 83 2.49 -27.35 7.90
N ASP B 84 2.98 -26.21 8.40
CA ASP B 84 3.38 -26.12 9.80
C ASP B 84 2.22 -26.45 10.71
N LEU B 85 1.02 -25.98 10.40
CA LEU B 85 -0.15 -26.26 11.20
C LEU B 85 -0.75 -27.65 10.91
N THR B 86 -0.85 -27.99 9.63
CA THR B 86 -1.54 -29.26 9.32
C THR B 86 -0.73 -30.48 9.71
N ARG B 87 0.59 -30.39 9.65
CA ARG B 87 1.45 -31.51 10.02
C ARG B 87 1.34 -31.80 11.51
N ASP B 88 1.06 -30.79 12.33
CA ASP B 88 0.84 -30.96 13.76
C ASP B 88 -0.55 -31.54 14.00
N LEU B 89 -1.54 -31.21 13.16
CA LEU B 89 -2.87 -31.78 13.32
C LEU B 89 -2.84 -33.27 12.93
N GLY B 90 -2.14 -33.59 11.85
CA GLY B 90 -2.02 -34.99 11.44
C GLY B 90 -3.07 -35.40 10.41
N PHE B 91 -2.74 -36.44 9.64
CA PHE B 91 -3.63 -36.93 8.61
C PHE B 91 -5.02 -37.29 9.12
N ASP B 92 -5.11 -38.07 10.19
CA ASP B 92 -6.41 -38.51 10.69
C ASP B 92 -7.34 -37.35 10.98
N TYR B 93 -6.79 -36.32 11.65
CA TYR B 93 -7.60 -35.15 11.97
C TYR B 93 -8.12 -34.48 10.72
N LEU B 94 -7.27 -34.27 9.72
CA LEU B 94 -7.65 -33.61 8.47
C LEU B 94 -8.72 -34.42 7.73
N GLN B 95 -8.50 -35.72 7.63
CA GLN B 95 -9.43 -36.62 6.95
C GLN B 95 -10.81 -36.56 7.59
N SER B 96 -10.83 -36.62 8.91
CA SER B 96 -12.10 -36.52 9.64
C SER B 96 -12.79 -35.18 9.42
N PHE B 97 -12.07 -34.06 9.53
CA PHE B 97 -12.70 -32.75 9.34
C PHE B 97 -13.25 -32.57 7.93
N ILE B 98 -12.52 -33.02 6.91
CA ILE B 98 -12.99 -32.92 5.53
C ILE B 98 -14.19 -33.85 5.32
N THR B 99 -14.21 -35.00 5.98
CA THR B 99 -15.30 -35.95 5.81
C THR B 99 -16.61 -35.47 6.45
N TYR B 100 -16.56 -35.14 7.73
CA TYR B 100 -17.71 -34.76 8.52
C TYR B 100 -17.98 -33.28 8.66
N GLY B 101 -16.99 -32.42 8.42
CA GLY B 101 -17.23 -30.98 8.55
C GLY B 101 -17.49 -30.62 10.00
N SER B 102 -18.11 -29.44 10.18
CA SER B 102 -18.43 -28.95 11.51
C SER B 102 -19.56 -27.94 11.39
N PRO B 103 -20.24 -27.65 12.49
CA PRO B 103 -21.34 -26.72 12.52
C PRO B 103 -20.95 -25.27 12.26
N ALA B 104 -19.70 -24.90 12.51
CA ALA B 104 -19.19 -23.55 12.30
C ALA B 104 -18.96 -23.09 10.88
N GLY B 105 -19.36 -23.80 9.83
CA GLY B 105 -19.22 -23.31 8.48
C GLY B 105 -18.31 -24.12 7.57
N MET B 106 -17.80 -25.24 8.04
CA MET B 106 -16.96 -26.11 7.24
C MET B 106 -17.82 -27.28 6.74
N PRO B 107 -18.03 -27.32 5.43
CA PRO B 107 -18.83 -28.36 4.80
C PRO B 107 -18.37 -29.78 5.11
N ASN B 108 -19.33 -30.70 5.06
CA ASN B 108 -19.10 -32.12 5.25
C ASN B 108 -18.89 -32.73 3.87
N TRP B 109 -17.69 -32.50 3.33
CA TRP B 109 -17.38 -32.94 1.97
C TRP B 109 -17.60 -34.43 1.76
N GLY B 110 -17.23 -35.26 2.73
CA GLY B 110 -17.34 -36.70 2.56
C GLY B 110 -18.74 -37.23 2.73
N THR B 111 -19.41 -36.87 3.82
CA THR B 111 -20.75 -37.42 4.06
C THR B 111 -21.83 -36.81 3.18
N SER B 112 -21.58 -35.72 2.49
CA SER B 112 -22.57 -35.14 1.59
C SER B 112 -22.45 -35.77 0.21
N GLY B 113 -21.32 -36.45 0.00
CA GLY B 113 -20.98 -37.10 -1.24
C GLY B 113 -20.35 -36.15 -2.24
N GLU B 114 -20.10 -34.89 -1.86
CA GLU B 114 -19.52 -33.90 -2.76
C GLU B 114 -18.12 -34.35 -3.16
N LEU B 115 -17.37 -34.91 -2.21
CA LEU B 115 -16.07 -35.47 -2.51
C LEU B 115 -16.18 -36.99 -2.29
N SER B 116 -15.59 -37.76 -3.17
CA SER B 116 -15.56 -39.20 -2.94
C SER B 116 -14.66 -39.51 -1.76
N ALA B 117 -14.71 -40.76 -1.28
CA ALA B 117 -13.83 -41.14 -0.17
C ALA B 117 -12.37 -40.98 -0.58
N GLU B 118 -12.02 -41.33 -1.81
CA GLU B 118 -10.67 -41.20 -2.32
C GLU B 118 -10.22 -39.74 -2.42
N GLN B 119 -11.13 -38.86 -2.86
CA GLN B 119 -10.80 -37.43 -2.93
C GLN B 119 -10.62 -36.83 -1.56
N VAL B 120 -11.39 -37.27 -0.56
CA VAL B 120 -11.19 -36.76 0.80
C VAL B 120 -9.75 -37.01 1.23
N ASP B 121 -9.29 -38.25 1.05
CA ASP B 121 -7.91 -38.62 1.41
C ASP B 121 -6.90 -37.82 0.62
N LEU B 122 -7.16 -37.61 -0.66
CA LEU B 122 -6.26 -36.80 -1.49
C LEU B 122 -6.11 -35.40 -0.88
N MET B 123 -7.22 -34.82 -0.44
CA MET B 123 -7.16 -33.48 0.15
C MET B 123 -6.41 -33.48 1.47
N ALA B 124 -6.67 -34.48 2.32
CA ALA B 124 -5.94 -34.56 3.60
C ALA B 124 -4.45 -34.66 3.33
N ASN B 125 -4.04 -35.51 2.39
CA ASN B 125 -2.63 -35.63 2.03
C ASN B 125 -2.08 -34.35 1.42
N TYR B 126 -2.87 -33.73 0.54
CA TYR B 126 -2.47 -32.49 -0.12
C TYR B 126 -2.16 -31.39 0.87
N LEU B 127 -2.92 -31.27 1.95
CA LEU B 127 -2.76 -30.23 2.94
C LEU B 127 -1.52 -30.43 3.80
N LEU B 128 -0.96 -31.62 3.80
CA LEU B 128 0.28 -31.90 4.51
C LEU B 128 1.50 -31.56 3.68
N LEU B 129 1.33 -31.41 2.37
CA LEU B 129 2.40 -31.11 1.44
C LEU B 129 2.59 -29.61 1.25
N ASP B 130 3.80 -29.19 0.87
CA ASP B 130 4.10 -27.77 0.71
C ASP B 130 3.44 -27.18 -0.53
N PRO B 131 2.68 -26.12 -0.35
CA PRO B 131 2.06 -25.45 -1.46
C PRO B 131 3.11 -24.73 -2.31
N ALA B 132 3.17 -24.97 -3.61
CA ALA B 132 4.04 -24.20 -4.50
C ALA B 132 3.44 -22.81 -4.71
N ALA B 133 4.26 -21.77 -4.83
CA ALA B 133 3.73 -20.42 -5.00
C ALA B 133 2.77 -20.27 -6.16
N PRO B 134 1.62 -19.65 -5.89
CA PRO B 134 0.64 -19.33 -6.92
C PRO B 134 1.29 -18.29 -7.83
N PRO B 135 0.87 -18.21 -9.07
CA PRO B 135 1.44 -17.30 -10.03
C PRO B 135 1.13 -15.83 -9.76
N GLU B 136 2.13 -14.99 -9.95
CA GLU B 136 1.90 -13.54 -9.90
C GLU B 136 1.34 -13.15 -11.25
N PHE B 137 0.92 -11.91 -11.40
CA PHE B 137 0.31 -11.44 -12.65
C PHE B 137 0.58 -9.94 -12.74
N GLY B 138 1.76 -9.67 -13.30
CA GLY B 138 2.26 -8.30 -13.41
C GLY B 138 2.02 -7.69 -14.77
N MET B 139 2.75 -6.61 -15.01
CA MET B 139 2.61 -5.83 -16.23
C MET B 139 2.87 -6.67 -17.48
N LYS B 140 3.92 -7.48 -17.45
CA LYS B 140 4.21 -8.31 -18.63
C LYS B 140 3.03 -9.21 -18.98
N GLU B 141 2.46 -9.86 -17.97
CA GLU B 141 1.35 -10.78 -18.20
C GLU B 141 0.08 -10.04 -18.61
N MET B 142 -0.13 -8.85 -18.02
CA MET B 142 -1.30 -8.07 -18.41
C MET B 142 -1.17 -7.65 -19.88
N ARG B 143 0.01 -7.12 -20.24
CA ARG B 143 0.20 -6.67 -21.61
C ARG B 143 0.12 -7.82 -22.61
N GLU B 144 0.50 -9.03 -22.23
CA GLU B 144 0.38 -10.18 -23.12
C GLU B 144 -1.09 -10.47 -23.40
N SER B 145 -1.95 -10.28 -22.42
CA SER B 145 -3.38 -10.53 -22.54
C SER B 145 -4.18 -9.39 -23.13
N TRP B 146 -3.59 -8.23 -23.26
CA TRP B 146 -4.26 -7.02 -23.73
C TRP B 146 -4.45 -6.96 -25.23
N LYS B 147 -5.71 -6.87 -25.65
CA LYS B 147 -6.05 -6.78 -27.08
C LYS B 147 -6.95 -5.58 -27.33
N VAL B 148 -6.58 -4.79 -28.34
CA VAL B 148 -7.40 -3.64 -28.73
C VAL B 148 -8.01 -4.05 -30.07
N HIS B 149 -9.30 -4.38 -30.06
CA HIS B 149 -9.95 -4.81 -31.29
C HIS B 149 -10.27 -3.63 -32.20
N VAL B 150 -10.70 -2.50 -31.66
CA VAL B 150 -10.98 -1.30 -32.40
C VAL B 150 -10.24 -0.13 -31.76
N ALA B 151 -9.22 0.39 -32.43
CA ALA B 151 -8.48 1.53 -31.88
C ALA B 151 -9.42 2.71 -31.72
N PRO B 152 -9.21 3.58 -30.75
CA PRO B 152 -10.07 4.73 -30.50
C PRO B 152 -10.37 5.55 -31.74
N GLU B 153 -9.34 5.77 -32.56
CA GLU B 153 -9.38 6.52 -33.79
C GLU B 153 -10.32 5.90 -34.82
N ASP B 154 -10.53 4.60 -34.78
CA ASP B 154 -11.39 3.89 -35.71
C ASP B 154 -12.82 3.71 -35.22
N ARG B 155 -13.12 4.15 -34.00
CA ARG B 155 -14.46 4.04 -33.45
C ARG B 155 -15.31 5.24 -33.87
N PRO B 156 -16.62 5.13 -33.71
CA PRO B 156 -17.53 6.21 -34.02
C PRO B 156 -17.23 7.48 -33.24
N THR B 157 -17.64 8.62 -33.79
CA THR B 157 -17.47 9.91 -33.12
C THR B 157 -18.81 10.40 -32.57
N GLN B 158 -19.83 9.59 -32.81
CA GLN B 158 -21.18 9.83 -32.30
C GLN B 158 -21.92 8.49 -32.27
N GLN B 159 -23.01 8.45 -31.53
CA GLN B 159 -23.80 7.23 -31.40
C GLN B 159 -24.33 6.83 -32.79
N GLU B 160 -24.08 5.62 -33.22
CA GLU B 160 -24.50 5.21 -34.56
C GLU B 160 -25.69 4.28 -34.58
N ASN B 161 -26.09 3.77 -33.42
CA ASN B 161 -27.27 2.92 -33.30
C ASN B 161 -28.42 3.82 -32.88
N ASP B 162 -29.65 3.30 -32.86
CA ASP B 162 -30.77 4.14 -32.45
C ASP B 162 -31.32 3.82 -31.07
N TRP B 163 -30.54 3.10 -30.28
CA TRP B 163 -30.90 2.67 -28.95
C TRP B 163 -30.96 3.85 -27.97
N ASP B 164 -31.79 3.71 -26.95
CA ASP B 164 -31.82 4.68 -25.85
C ASP B 164 -30.80 4.13 -24.85
N LEU B 165 -29.53 4.50 -25.02
CA LEU B 165 -28.47 3.97 -24.20
C LEU B 165 -28.62 4.20 -22.70
N GLU B 166 -29.11 5.34 -22.29
CA GLU B 166 -29.25 5.65 -20.87
C GLU B 166 -30.27 4.78 -20.18
N ASN B 167 -31.23 4.23 -20.93
CA ASN B 167 -32.21 3.36 -20.35
C ASN B 167 -31.91 1.89 -20.62
N LEU B 168 -30.74 1.59 -21.17
CA LEU B 168 -30.34 0.21 -21.39
C LEU B 168 -29.94 -0.48 -20.07
N PHE B 169 -30.13 -1.79 -20.01
CA PHE B 169 -29.69 -2.58 -18.86
C PHE B 169 -28.64 -3.57 -19.33
N SER B 170 -27.55 -3.71 -18.58
CA SER B 170 -26.52 -4.71 -18.83
C SER B 170 -26.70 -5.83 -17.81
N VAL B 171 -27.08 -7.00 -18.29
CA VAL B 171 -27.44 -8.12 -17.43
C VAL B 171 -26.46 -9.27 -17.57
N THR B 172 -25.94 -9.72 -16.42
CA THR B 172 -25.02 -10.84 -16.41
C THR B 172 -25.73 -12.17 -16.69
N LEU B 173 -25.24 -12.94 -17.64
CA LEU B 173 -25.72 -14.32 -17.87
C LEU B 173 -24.55 -15.15 -17.32
N ARG B 174 -24.56 -15.36 -16.01
CA ARG B 174 -23.42 -15.87 -15.27
C ARG B 174 -22.67 -17.04 -15.89
N ASP B 175 -23.29 -18.21 -15.85
CA ASP B 175 -22.66 -19.46 -16.22
C ASP B 175 -22.36 -19.59 -17.72
N ALA B 176 -22.93 -18.74 -18.54
CA ALA B 176 -22.70 -18.70 -19.98
C ALA B 176 -21.51 -17.83 -20.37
N GLY B 177 -21.00 -17.03 -19.42
CA GLY B 177 -19.88 -16.15 -19.77
C GLY B 177 -20.29 -15.10 -20.78
N GLN B 178 -21.49 -14.54 -20.57
CA GLN B 178 -22.05 -13.51 -21.43
C GLN B 178 -22.76 -12.46 -20.60
N ILE B 179 -23.14 -11.39 -21.28
CA ILE B 179 -24.00 -10.34 -20.77
C ILE B 179 -25.09 -10.08 -21.83
N ALA B 180 -26.24 -9.59 -21.38
CA ALA B 180 -27.32 -9.27 -22.29
C ALA B 180 -27.54 -7.76 -22.23
N LEU B 181 -27.70 -7.11 -23.36
CA LEU B 181 -28.03 -5.68 -23.35
C LEU B 181 -29.52 -5.60 -23.66
N ILE B 182 -30.28 -5.15 -22.67
CA ILE B 182 -31.73 -5.15 -22.76
C ILE B 182 -32.32 -3.74 -22.70
N ASP B 183 -33.23 -3.45 -23.63
CA ASP B 183 -33.88 -2.15 -23.71
C ASP B 183 -34.78 -1.95 -22.50
N GLY B 184 -34.64 -0.85 -21.80
CA GLY B 184 -35.35 -0.54 -20.60
C GLY B 184 -36.83 -0.24 -20.77
N ALA B 185 -37.26 0.07 -21.99
CA ALA B 185 -38.68 0.37 -22.18
C ALA B 185 -39.44 -0.72 -22.91
N THR B 186 -38.79 -1.34 -23.89
CA THR B 186 -39.44 -2.41 -24.64
C THR B 186 -39.12 -3.78 -24.12
N TYR B 187 -38.09 -3.90 -23.25
CA TYR B 187 -37.67 -5.18 -22.67
C TYR B 187 -37.07 -6.12 -23.71
N GLU B 188 -36.68 -5.58 -24.85
CA GLU B 188 -36.10 -6.37 -25.92
C GLU B 188 -34.61 -6.61 -25.64
N ILE B 189 -34.24 -7.89 -25.74
CA ILE B 189 -32.82 -8.25 -25.66
C ILE B 189 -32.18 -7.77 -26.97
N LYS B 190 -31.41 -6.68 -26.88
CA LYS B 190 -30.80 -6.08 -28.04
C LYS B 190 -29.64 -6.91 -28.60
N SER B 191 -28.89 -7.49 -27.69
CA SER B 191 -27.72 -8.28 -28.06
C SER B 191 -27.29 -9.10 -26.87
N VAL B 192 -26.63 -10.22 -27.12
CA VAL B 192 -25.99 -11.05 -26.11
C VAL B 192 -24.53 -11.11 -26.54
N LEU B 193 -23.64 -10.61 -25.70
CA LEU B 193 -22.22 -10.52 -25.95
C LEU B 193 -21.41 -11.48 -25.09
N ASP B 194 -20.38 -12.06 -25.67
CA ASP B 194 -19.51 -13.01 -24.98
C ASP B 194 -18.40 -12.27 -24.24
N THR B 195 -18.25 -12.60 -22.97
CA THR B 195 -17.33 -11.93 -22.05
C THR B 195 -16.51 -12.97 -21.30
N GLY B 196 -15.84 -12.55 -20.22
CA GLY B 196 -15.20 -13.52 -19.34
C GLY B 196 -16.29 -14.32 -18.63
N TYR B 197 -15.86 -15.42 -18.00
CA TYR B 197 -16.77 -16.30 -17.29
C TYR B 197 -17.33 -15.65 -16.04
N ALA B 198 -18.64 -15.81 -15.85
CA ALA B 198 -19.31 -15.34 -14.66
C ALA B 198 -18.98 -13.89 -14.29
N VAL B 199 -19.30 -13.01 -15.22
CA VAL B 199 -19.17 -11.57 -14.98
C VAL B 199 -19.76 -11.25 -13.61
N HIS B 200 -19.06 -10.43 -12.82
CA HIS B 200 -19.54 -10.11 -11.48
C HIS B 200 -20.35 -8.82 -11.49
N ILE B 201 -19.86 -7.80 -12.17
CA ILE B 201 -20.62 -6.57 -12.28
C ILE B 201 -20.28 -5.91 -13.63
N SER B 202 -21.19 -5.03 -14.00
CA SER B 202 -21.08 -4.15 -15.14
C SER B 202 -20.93 -2.72 -14.57
N ARG B 203 -20.02 -1.94 -15.14
CA ARG B 203 -19.90 -0.53 -14.78
C ARG B 203 -19.80 0.31 -16.04
N LEU B 204 -20.21 1.56 -15.93
CA LEU B 204 -20.26 2.45 -17.09
C LEU B 204 -19.30 3.62 -16.91
N SER B 205 -18.67 4.03 -18.00
CA SER B 205 -17.87 5.26 -17.94
C SER B 205 -18.79 6.42 -17.60
N ALA B 206 -18.22 7.53 -17.16
CA ALA B 206 -18.97 8.69 -16.74
C ALA B 206 -19.78 9.33 -17.85
N SER B 207 -19.36 9.17 -19.10
CA SER B 207 -20.11 9.71 -20.23
C SER B 207 -21.23 8.78 -20.65
N GLY B 208 -21.20 7.53 -20.20
CA GLY B 208 -22.19 6.53 -20.55
C GLY B 208 -21.92 5.81 -21.87
N ARG B 209 -20.81 6.12 -22.49
CA ARG B 209 -20.46 5.47 -23.75
C ARG B 209 -19.90 4.08 -23.59
N TYR B 210 -18.97 3.90 -22.65
CA TYR B 210 -18.27 2.64 -22.50
C TYR B 210 -18.76 1.79 -21.34
N LEU B 211 -19.00 0.54 -21.67
CA LEU B 211 -19.46 -0.47 -20.73
C LEU B 211 -18.31 -1.41 -20.39
N PHE B 212 -18.00 -1.52 -19.10
CA PHE B 212 -16.94 -2.35 -18.61
C PHE B 212 -17.50 -3.51 -17.82
N VAL B 213 -17.02 -4.72 -18.09
CA VAL B 213 -17.42 -5.89 -17.32
C VAL B 213 -16.17 -6.64 -16.89
N ILE B 214 -16.26 -7.29 -15.73
CA ILE B 214 -15.14 -8.07 -15.22
C ILE B 214 -15.66 -9.43 -14.79
N GLY B 215 -15.07 -10.48 -15.37
CA GLY B 215 -15.37 -11.86 -15.01
C GLY B 215 -14.66 -12.23 -13.70
N ARG B 216 -15.14 -13.30 -13.06
CA ARG B 216 -14.53 -13.74 -11.80
C ARG B 216 -13.13 -14.27 -11.99
N ASP B 217 -12.74 -14.59 -13.22
CA ASP B 217 -11.37 -15.06 -13.44
C ASP B 217 -10.44 -13.92 -13.84
N GLY B 218 -10.86 -12.67 -13.66
CA GLY B 218 -9.97 -11.56 -13.93
C GLY B 218 -10.00 -10.97 -15.32
N LYS B 219 -10.88 -11.49 -16.20
CA LYS B 219 -10.96 -10.98 -17.55
C LYS B 219 -11.87 -9.75 -17.63
N VAL B 220 -11.36 -8.68 -18.20
CA VAL B 220 -12.10 -7.44 -18.40
C VAL B 220 -12.41 -7.22 -19.88
N ASN B 221 -13.63 -6.85 -20.18
CA ASN B 221 -14.04 -6.51 -21.54
C ASN B 221 -14.58 -5.08 -21.49
N MET B 222 -14.21 -4.29 -22.46
CA MET B 222 -14.71 -2.93 -22.65
C MET B 222 -15.55 -2.91 -23.94
N ILE B 223 -16.76 -2.45 -23.88
CA ILE B 223 -17.72 -2.42 -24.98
C ILE B 223 -18.11 -1.00 -25.33
N ASP B 224 -18.06 -0.68 -26.63
CA ASP B 224 -18.42 0.64 -27.10
C ASP B 224 -19.91 0.65 -27.48
N LEU B 225 -20.72 1.36 -26.71
CA LEU B 225 -22.15 1.43 -26.92
C LEU B 225 -22.55 2.35 -28.07
N TRP B 226 -21.60 3.04 -28.68
CA TRP B 226 -21.91 3.91 -29.80
C TRP B 226 -21.83 3.17 -31.14
N MET B 227 -21.30 1.96 -31.17
CA MET B 227 -21.23 1.25 -32.44
C MET B 227 -22.64 0.89 -32.91
N LYS B 228 -22.78 0.71 -34.22
CA LYS B 228 -24.05 0.25 -34.79
C LYS B 228 -24.44 -1.08 -34.16
N GLU B 229 -23.47 -1.95 -33.93
CA GLU B 229 -23.63 -3.22 -33.25
C GLU B 229 -22.59 -3.27 -32.13
N PRO B 230 -22.92 -2.79 -30.94
CA PRO B 230 -21.97 -2.76 -29.85
C PRO B 230 -21.28 -4.07 -29.63
N THR B 231 -19.96 -4.01 -29.41
CA THR B 231 -19.20 -5.20 -29.09
C THR B 231 -17.93 -4.81 -28.30
N THR B 232 -17.17 -5.82 -27.97
CA THR B 232 -15.92 -5.57 -27.24
C THR B 232 -14.91 -4.90 -28.15
N VAL B 233 -14.38 -3.77 -27.69
CA VAL B 233 -13.38 -3.00 -28.42
C VAL B 233 -11.99 -3.22 -27.81
N ALA B 234 -11.94 -3.68 -26.56
CA ALA B 234 -10.65 -3.94 -25.90
C ALA B 234 -10.92 -4.94 -24.78
N GLU B 235 -9.91 -5.73 -24.45
CA GLU B 235 -10.00 -6.72 -23.39
C GLU B 235 -8.62 -6.89 -22.76
N ILE B 236 -8.63 -7.32 -21.51
CA ILE B 236 -7.38 -7.54 -20.79
C ILE B 236 -7.64 -8.43 -19.58
N LYS B 237 -6.61 -9.13 -19.11
CA LYS B 237 -6.70 -9.98 -17.93
C LYS B 237 -5.92 -9.26 -16.82
N ILE B 238 -6.47 -9.19 -15.60
CA ILE B 238 -5.78 -8.39 -14.57
C ILE B 238 -5.36 -9.22 -13.38
N GLY B 239 -5.63 -10.53 -13.41
CA GLY B 239 -5.32 -11.41 -12.28
C GLY B 239 -5.95 -12.77 -12.51
N SER B 240 -5.95 -13.58 -11.48
CA SER B 240 -6.51 -14.93 -11.58
C SER B 240 -7.93 -15.00 -11.04
N GLU B 241 -8.26 -14.09 -10.13
CA GLU B 241 -9.57 -14.09 -9.46
C GLU B 241 -9.91 -12.65 -9.13
N ALA B 242 -11.08 -12.19 -9.56
CA ALA B 242 -11.39 -10.76 -9.40
C ALA B 242 -12.90 -10.57 -9.28
N ARG B 243 -13.30 -9.42 -8.72
CA ARG B 243 -14.70 -9.11 -8.56
C ARG B 243 -15.09 -7.68 -8.88
N SER B 244 -14.17 -6.73 -8.87
CA SER B 244 -14.52 -5.33 -9.02
C SER B 244 -13.82 -4.58 -10.14
N ILE B 245 -14.56 -3.63 -10.68
CA ILE B 245 -14.14 -2.71 -11.73
C ILE B 245 -14.92 -1.40 -11.50
N GLU B 246 -14.32 -0.28 -11.84
CA GLU B 246 -14.99 1.01 -11.71
C GLU B 246 -14.34 1.97 -12.70
N THR B 247 -15.04 3.07 -12.98
CA THR B 247 -14.60 4.10 -13.90
C THR B 247 -14.42 5.44 -13.22
N SER B 248 -13.58 6.32 -13.78
CA SER B 248 -13.31 7.62 -13.19
C SER B 248 -14.54 8.51 -13.25
N LYS B 249 -14.99 9.04 -12.09
CA LYS B 249 -16.24 9.81 -12.05
C LYS B 249 -16.10 11.22 -11.51
N MET B 250 -14.87 11.68 -11.33
CA MET B 250 -14.65 13.09 -10.97
C MET B 250 -14.89 13.93 -12.22
N GLU B 251 -15.67 15.02 -12.06
CA GLU B 251 -15.91 15.94 -13.17
C GLU B 251 -14.59 16.36 -13.79
N GLY B 252 -14.50 16.32 -15.12
CA GLY B 252 -13.29 16.66 -15.84
C GLY B 252 -12.46 15.44 -16.24
N TRP B 253 -12.75 14.31 -15.59
CA TRP B 253 -11.99 13.08 -15.82
C TRP B 253 -12.85 12.00 -16.44
N GLU B 254 -13.93 12.41 -17.11
CA GLU B 254 -14.79 11.42 -17.77
C GLU B 254 -14.02 10.66 -18.82
N ASP B 255 -14.17 9.33 -18.79
CA ASP B 255 -13.59 8.35 -19.66
C ASP B 255 -12.08 8.24 -19.59
N LYS B 256 -11.45 8.89 -18.60
CA LYS B 256 -10.00 8.88 -18.54
C LYS B 256 -9.44 7.55 -18.07
N TYR B 257 -10.03 6.96 -17.02
CA TYR B 257 -9.50 5.73 -16.44
C TYR B 257 -10.56 4.73 -16.03
N ALA B 258 -10.09 3.49 -15.94
CA ALA B 258 -10.85 2.39 -15.39
C ALA B 258 -9.93 1.73 -14.36
N ILE B 259 -10.48 1.10 -13.32
CA ILE B 259 -9.69 0.45 -12.31
C ILE B 259 -10.28 -0.94 -12.05
N ALA B 260 -9.41 -1.93 -11.91
CA ALA B 260 -9.93 -3.27 -11.59
C ALA B 260 -9.24 -3.78 -10.34
N GLY B 261 -9.96 -4.56 -9.54
CA GLY B 261 -9.37 -5.10 -8.32
C GLY B 261 -9.39 -6.62 -8.40
N ALA B 262 -8.33 -7.19 -7.85
CA ALA B 262 -8.24 -8.66 -7.84
C ALA B 262 -8.22 -9.20 -6.41
N TYR B 263 -8.75 -10.41 -6.27
CA TYR B 263 -8.63 -11.27 -5.12
C TYR B 263 -7.24 -11.95 -5.17
N TRP B 264 -6.86 -12.41 -6.35
CA TRP B 264 -5.56 -13.03 -6.58
C TRP B 264 -4.99 -12.42 -7.81
N PRO B 265 -3.70 -12.20 -7.89
CA PRO B 265 -2.86 -11.59 -6.89
C PRO B 265 -3.59 -10.49 -6.13
N PRO B 266 -3.18 -10.20 -4.92
CA PRO B 266 -3.76 -9.11 -4.15
C PRO B 266 -3.23 -7.79 -4.71
N GLN B 267 -4.03 -7.20 -5.58
CA GLN B 267 -3.64 -6.01 -6.30
C GLN B 267 -4.80 -5.33 -7.00
N TYR B 268 -4.58 -4.08 -7.38
CA TYR B 268 -5.53 -3.35 -8.20
C TYR B 268 -4.71 -2.77 -9.37
N VAL B 269 -5.39 -2.46 -10.47
CA VAL B 269 -4.70 -1.90 -11.62
C VAL B 269 -5.54 -0.79 -12.25
N ILE B 270 -4.87 0.33 -12.47
CA ILE B 270 -5.48 1.47 -13.16
C ILE B 270 -5.12 1.34 -14.64
N MET B 271 -6.15 1.42 -15.48
CA MET B 271 -6.02 1.27 -16.92
C MET B 271 -6.55 2.47 -17.68
N ASP B 272 -6.02 2.68 -18.89
CA ASP B 272 -6.50 3.75 -19.75
C ASP B 272 -7.97 3.50 -20.04
N GLY B 273 -8.79 4.54 -19.90
CA GLY B 273 -10.23 4.48 -20.04
C GLY B 273 -10.70 4.28 -21.48
N GLU B 274 -9.82 4.50 -22.43
CA GLU B 274 -10.20 4.28 -23.82
C GLU B 274 -9.63 3.00 -24.42
N THR B 275 -8.48 2.53 -23.94
CA THR B 275 -7.88 1.34 -24.56
C THR B 275 -7.70 0.15 -23.66
N LEU B 276 -7.82 0.34 -22.34
CA LEU B 276 -7.54 -0.63 -21.33
C LEU B 276 -6.05 -0.83 -21.09
N GLU B 277 -5.21 0.03 -21.66
CA GLU B 277 -3.77 -0.17 -21.43
C GLU B 277 -3.50 -0.13 -19.93
N PRO B 278 -2.82 -1.13 -19.38
CA PRO B 278 -2.49 -1.14 -17.97
C PRO B 278 -1.46 -0.06 -17.68
N LYS B 279 -1.77 0.85 -16.76
CA LYS B 279 -0.88 1.97 -16.47
C LYS B 279 -0.19 1.88 -15.13
N LYS B 280 -0.89 1.41 -14.11
CA LYS B 280 -0.33 1.35 -12.76
C LYS B 280 -0.93 0.21 -11.96
N ILE B 281 -0.07 -0.72 -11.53
CA ILE B 281 -0.46 -1.87 -10.74
C ILE B 281 0.05 -1.66 -9.31
N GLN B 282 -0.83 -1.81 -8.34
CA GLN B 282 -0.42 -1.66 -6.95
C GLN B 282 -0.77 -2.90 -6.16
N SER B 283 0.19 -3.46 -5.44
CA SER B 283 -0.06 -4.58 -4.57
C SER B 283 -0.82 -4.11 -3.34
N THR B 284 -1.67 -4.98 -2.79
CA THR B 284 -2.39 -4.65 -1.58
C THR B 284 -1.89 -5.47 -0.41
N ARG B 285 -0.81 -6.24 -0.63
CA ARG B 285 -0.19 -6.97 0.48
C ARG B 285 0.32 -5.92 1.49
N GLY B 286 0.16 -6.20 2.76
CA GLY B 286 0.53 -5.19 3.75
C GLY B 286 0.06 -5.56 5.13
N MET B 287 0.07 -4.56 6.02
CA MET B 287 -0.25 -4.75 7.42
C MET B 287 -1.71 -4.54 7.78
N THR B 288 -2.21 -5.38 8.67
CA THR B 288 -3.58 -5.24 9.17
C THR B 288 -3.66 -3.92 9.93
N TYR B 289 -4.78 -3.21 9.88
CA TYR B 289 -4.86 -1.89 10.50
C TYR B 289 -4.78 -1.94 12.02
N ASP B 290 -5.32 -2.97 12.65
CA ASP B 290 -5.44 -3.02 14.10
C ASP B 290 -4.31 -3.73 14.81
N GLU B 291 -4.05 -4.96 14.40
CA GLU B 291 -2.97 -5.72 15.04
C GLU B 291 -1.62 -5.43 14.43
N GLN B 292 -1.62 -4.76 13.29
CA GLN B 292 -0.44 -4.40 12.54
C GLN B 292 0.51 -5.57 12.38
N GLU B 293 -0.03 -6.58 11.71
CA GLU B 293 0.70 -7.80 11.35
C GLU B 293 0.60 -7.96 9.83
N TYR B 294 1.69 -8.42 9.23
CA TYR B 294 1.73 -8.61 7.80
C TYR B 294 0.71 -9.66 7.33
N HIS B 295 -0.03 -9.30 6.29
CA HIS B 295 -1.01 -10.20 5.69
C HIS B 295 -0.65 -10.39 4.24
N PRO B 296 -0.43 -11.65 3.80
CA PRO B 296 0.03 -11.97 2.49
C PRO B 296 -1.05 -12.09 1.42
N GLU B 297 -2.32 -11.93 1.83
CA GLU B 297 -3.38 -12.07 0.83
C GLU B 297 -4.58 -11.17 1.07
N PRO B 298 -4.39 -9.85 1.05
CA PRO B 298 -5.47 -8.90 1.30
C PRO B 298 -6.23 -8.60 0.01
N ARG B 299 -7.39 -9.26 -0.16
CA ARG B 299 -8.19 -9.18 -1.36
C ARG B 299 -8.82 -7.80 -1.55
N VAL B 300 -8.82 -7.35 -2.81
CA VAL B 300 -9.56 -6.13 -3.13
C VAL B 300 -11.05 -6.45 -3.23
N ALA B 301 -11.84 -5.69 -2.47
CA ALA B 301 -13.29 -5.89 -2.53
C ALA B 301 -13.89 -4.78 -3.36
N ALA B 302 -14.90 -4.06 -2.86
CA ALA B 302 -15.54 -3.04 -3.69
C ALA B 302 -14.57 -1.94 -4.08
N ILE B 303 -14.81 -1.39 -5.27
CA ILE B 303 -14.10 -0.20 -5.74
C ILE B 303 -15.15 0.79 -6.21
N LEU B 304 -15.08 2.00 -5.69
CA LEU B 304 -15.97 3.08 -6.08
C LEU B 304 -15.15 4.24 -6.61
N ALA B 305 -15.83 5.27 -7.10
CA ALA B 305 -15.10 6.41 -7.65
C ALA B 305 -15.59 7.69 -6.98
N SER B 306 -14.66 8.51 -6.51
CA SER B 306 -15.03 9.76 -5.87
C SER B 306 -15.59 10.76 -6.85
N HIS B 307 -16.56 11.55 -6.36
CA HIS B 307 -17.12 12.64 -7.12
C HIS B 307 -16.59 13.97 -6.57
N TYR B 308 -15.80 13.89 -5.51
CA TYR B 308 -15.26 15.11 -4.90
C TYR B 308 -13.81 15.38 -5.27
N ARG B 309 -13.05 14.34 -5.53
CA ARG B 309 -11.64 14.41 -5.92
C ARG B 309 -11.44 13.39 -7.03
N PRO B 310 -10.35 13.55 -7.78
CA PRO B 310 -9.98 12.62 -8.84
C PRO B 310 -9.30 11.41 -8.23
N GLU B 311 -10.11 10.62 -7.52
CA GLU B 311 -9.67 9.46 -6.81
C GLU B 311 -10.55 8.23 -6.99
N PHE B 312 -9.93 7.07 -6.86
CA PHE B 312 -10.67 5.82 -6.77
C PHE B 312 -10.70 5.44 -5.28
N ILE B 313 -11.73 4.74 -4.87
CA ILE B 313 -11.99 4.34 -3.50
C ILE B 313 -11.91 2.81 -3.45
N VAL B 314 -10.84 2.30 -2.85
CA VAL B 314 -10.57 0.86 -2.91
C VAL B 314 -10.63 0.18 -1.55
N ASN B 315 -11.51 -0.79 -1.42
CA ASN B 315 -11.60 -1.58 -0.20
C ASN B 315 -10.61 -2.74 -0.22
N VAL B 316 -9.81 -2.81 0.85
CA VAL B 316 -8.87 -3.92 0.99
C VAL B 316 -9.31 -4.71 2.21
N LYS B 317 -9.89 -5.87 1.93
CA LYS B 317 -10.62 -6.65 2.91
C LYS B 317 -9.88 -7.08 4.16
N GLU B 318 -8.86 -7.91 4.02
CA GLU B 318 -8.22 -8.52 5.17
C GLU B 318 -7.41 -7.59 6.05
N THR B 319 -6.86 -6.52 5.46
CA THR B 319 -6.12 -5.56 6.27
C THR B 319 -7.01 -4.47 6.82
N GLY B 320 -8.27 -4.37 6.35
CA GLY B 320 -9.19 -3.36 6.83
C GLY B 320 -8.73 -1.96 6.46
N LYS B 321 -8.24 -1.76 5.26
CA LYS B 321 -7.85 -0.44 4.80
C LYS B 321 -8.70 0.03 3.62
N ILE B 322 -9.08 1.29 3.62
CA ILE B 322 -9.76 1.90 2.49
C ILE B 322 -8.77 2.85 1.85
N LEU B 323 -8.46 2.64 0.58
CA LEU B 323 -7.47 3.43 -0.12
C LEU B 323 -8.15 4.47 -1.00
N LEU B 324 -7.70 5.71 -0.89
CA LEU B 324 -8.14 6.79 -1.75
C LEU B 324 -6.96 7.05 -2.69
N VAL B 325 -7.11 6.65 -3.94
CA VAL B 325 -6.02 6.67 -4.91
C VAL B 325 -6.19 7.78 -5.94
N ASP B 326 -5.28 8.73 -5.91
CA ASP B 326 -5.39 9.90 -6.78
C ASP B 326 -4.80 9.59 -8.14
N TYR B 327 -5.65 9.65 -9.17
CA TYR B 327 -5.21 9.32 -10.51
C TYR B 327 -4.74 10.50 -11.35
N THR B 328 -4.49 11.65 -10.74
CA THR B 328 -4.01 12.80 -11.47
C THR B 328 -2.54 12.65 -11.85
N ASP B 329 -1.81 11.80 -11.14
CA ASP B 329 -0.40 11.62 -11.45
C ASP B 329 -0.02 10.20 -11.01
N LEU B 330 0.14 9.33 -11.96
CA LEU B 330 0.43 7.93 -11.70
C LEU B 330 1.91 7.66 -11.46
N ASP B 331 2.79 8.61 -11.74
CA ASP B 331 4.21 8.43 -11.47
C ASP B 331 4.55 8.87 -10.04
N ASN B 332 4.00 10.00 -9.62
CA ASN B 332 4.20 10.52 -8.27
C ASN B 332 2.83 10.27 -7.59
N LEU B 333 2.63 9.02 -7.22
CA LEU B 333 1.32 8.54 -6.82
C LEU B 333 0.90 8.86 -5.40
N LYS B 334 -0.12 9.70 -5.30
CA LYS B 334 -0.68 10.07 -4.02
C LYS B 334 -1.81 9.12 -3.62
N THR B 335 -1.67 8.54 -2.43
CA THR B 335 -2.74 7.74 -1.86
C THR B 335 -2.97 8.10 -0.41
N THR B 336 -4.20 7.88 0.05
CA THR B 336 -4.51 7.95 1.47
C THR B 336 -4.93 6.55 1.89
N GLU B 337 -4.20 5.96 2.83
CA GLU B 337 -4.52 4.63 3.33
C GLU B 337 -5.25 4.79 4.65
N ILE B 338 -6.56 4.60 4.61
CA ILE B 338 -7.39 4.80 5.80
C ILE B 338 -7.59 3.53 6.60
N SER B 339 -7.15 3.54 7.86
CA SER B 339 -7.43 2.46 8.80
C SER B 339 -8.93 2.42 9.09
N ALA B 340 -9.55 1.28 8.80
CA ALA B 340 -11.01 1.19 8.90
C ALA B 340 -11.38 0.05 9.82
N GLU B 341 -11.86 -1.05 9.25
CA GLU B 341 -12.23 -2.23 10.02
C GLU B 341 -12.00 -3.44 9.09
N ARG B 342 -11.57 -4.57 9.65
CA ARG B 342 -11.33 -5.72 8.78
C ARG B 342 -12.66 -6.21 8.19
N PHE B 343 -12.56 -7.00 7.14
CA PHE B 343 -13.65 -7.65 6.44
C PHE B 343 -14.48 -6.72 5.56
N LEU B 344 -13.84 -5.63 5.11
CA LEU B 344 -14.51 -4.72 4.20
C LEU B 344 -14.97 -5.49 2.97
N HIS B 345 -16.19 -5.18 2.53
CA HIS B 345 -16.73 -5.84 1.35
C HIS B 345 -17.33 -4.81 0.39
N ASP B 346 -18.63 -4.65 0.43
CA ASP B 346 -19.34 -3.74 -0.47
C ASP B 346 -19.75 -2.46 0.24
N GLY B 347 -20.26 -1.52 -0.53
CA GLY B 347 -20.74 -0.26 0.03
C GLY B 347 -21.12 0.72 -1.07
N GLY B 348 -21.55 1.91 -0.64
CA GLY B 348 -22.00 2.93 -1.58
C GLY B 348 -21.81 4.34 -1.03
N LEU B 349 -21.98 5.31 -1.93
CA LEU B 349 -21.95 6.71 -1.49
C LEU B 349 -23.33 7.10 -1.00
N ASP B 350 -23.36 8.09 -0.10
CA ASP B 350 -24.63 8.63 0.36
C ASP B 350 -25.27 9.42 -0.78
N GLY B 351 -26.45 9.97 -0.52
CA GLY B 351 -27.19 10.74 -1.51
C GLY B 351 -26.45 11.93 -2.07
N SER B 352 -25.58 12.57 -1.29
CA SER B 352 -24.81 13.72 -1.70
C SER B 352 -23.52 13.37 -2.44
N HIS B 353 -23.21 12.08 -2.48
CA HIS B 353 -22.01 11.53 -3.09
C HIS B 353 -20.73 11.93 -2.39
N ARG B 354 -20.80 12.38 -1.15
CA ARG B 354 -19.61 12.78 -0.43
C ARG B 354 -19.03 11.70 0.47
N TYR B 355 -19.88 10.92 1.12
CA TYR B 355 -19.47 9.94 2.09
C TYR B 355 -19.61 8.51 1.55
N PHE B 356 -18.57 7.72 1.76
CA PHE B 356 -18.58 6.32 1.36
C PHE B 356 -18.92 5.50 2.60
N ILE B 357 -19.97 4.70 2.51
CA ILE B 357 -20.48 3.88 3.60
C ILE B 357 -20.32 2.41 3.20
N THR B 358 -19.51 1.68 3.95
CA THR B 358 -19.17 0.32 3.55
C THR B 358 -19.26 -0.66 4.71
N ALA B 359 -19.65 -1.89 4.35
CA ALA B 359 -19.80 -2.94 5.35
C ALA B 359 -18.50 -3.69 5.63
N ALA B 360 -18.14 -3.76 6.91
CA ALA B 360 -17.03 -4.60 7.36
C ALA B 360 -17.83 -5.80 7.89
N ASN B 361 -18.20 -6.67 6.95
CA ASN B 361 -19.36 -7.53 7.12
C ASN B 361 -19.25 -8.54 8.24
N ALA B 362 -18.12 -9.22 8.37
CA ALA B 362 -18.00 -10.19 9.45
C ALA B 362 -17.93 -9.55 10.83
N ARG B 363 -17.69 -8.25 10.93
CA ARG B 363 -17.68 -7.59 12.22
C ARG B 363 -18.92 -6.76 12.49
N ASN B 364 -19.91 -6.88 11.59
CA ASN B 364 -21.21 -6.24 11.70
C ASN B 364 -21.16 -4.74 11.77
N LYS B 365 -20.17 -4.14 11.10
CA LYS B 365 -20.01 -2.70 11.15
C LYS B 365 -20.18 -2.00 9.80
N LEU B 366 -20.60 -0.75 9.89
CA LEU B 366 -20.57 0.14 8.76
C LEU B 366 -19.43 1.15 9.02
N VAL B 367 -18.59 1.33 8.03
CA VAL B 367 -17.49 2.29 8.09
C VAL B 367 -17.87 3.47 7.20
N VAL B 368 -17.69 4.68 7.69
CA VAL B 368 -18.02 5.86 6.91
C VAL B 368 -16.77 6.70 6.67
N ILE B 369 -16.47 6.97 5.41
CA ILE B 369 -15.34 7.83 5.09
C ILE B 369 -15.83 9.08 4.37
N ASP B 370 -15.22 10.22 4.70
CA ASP B 370 -15.51 11.49 4.04
C ASP B 370 -14.58 11.56 2.83
N THR B 371 -15.10 11.47 1.61
CA THR B 371 -14.22 11.51 0.44
C THR B 371 -13.74 12.91 0.11
N LYS B 372 -14.34 13.95 0.70
CA LYS B 372 -13.85 15.29 0.48
C LYS B 372 -12.59 15.53 1.29
N GLU B 373 -12.61 15.17 2.56
CA GLU B 373 -11.49 15.42 3.46
C GLU B 373 -10.51 14.27 3.50
N GLY B 374 -10.93 13.12 2.95
CA GLY B 374 -10.06 11.95 2.93
C GLY B 374 -9.78 11.34 4.28
N LYS B 375 -10.82 11.18 5.11
CA LYS B 375 -10.65 10.66 6.44
C LYS B 375 -11.84 9.82 6.93
N LEU B 376 -11.54 8.91 7.83
CA LEU B 376 -12.59 8.13 8.48
C LEU B 376 -13.42 9.05 9.37
N VAL B 377 -14.76 8.93 9.30
CA VAL B 377 -15.60 9.73 10.16
C VAL B 377 -16.41 8.88 11.13
N ALA B 378 -16.65 7.61 10.87
CA ALA B 378 -17.43 6.83 11.83
C ALA B 378 -17.29 5.34 11.59
N ILE B 379 -17.49 4.56 12.63
CA ILE B 379 -17.58 3.11 12.55
C ILE B 379 -18.72 2.69 13.50
N GLU B 380 -19.79 2.14 12.94
CA GLU B 380 -20.97 1.83 13.75
C GLU B 380 -21.50 0.42 13.55
N ASP B 381 -21.82 -0.27 14.63
CA ASP B 381 -22.41 -1.60 14.55
C ASP B 381 -23.87 -1.47 14.11
N THR B 382 -24.32 -2.30 13.15
CA THR B 382 -25.67 -2.20 12.67
C THR B 382 -26.71 -2.87 13.58
N GLY B 383 -26.25 -3.69 14.52
CA GLY B 383 -27.17 -4.42 15.39
C GLY B 383 -27.59 -5.72 14.69
N GLY B 384 -27.21 -5.90 13.44
CA GLY B 384 -27.53 -7.08 12.66
C GLY B 384 -26.32 -7.96 12.42
N GLN B 385 -26.51 -9.09 11.78
CA GLN B 385 -25.45 -10.03 11.46
C GLN B 385 -25.13 -9.98 9.98
N THR B 386 -23.92 -9.55 9.68
CA THR B 386 -23.38 -9.56 8.33
C THR B 386 -24.10 -8.65 7.35
N PRO B 387 -24.00 -7.35 7.58
CA PRO B 387 -24.57 -6.36 6.67
C PRO B 387 -24.03 -6.60 5.27
N HIS B 388 -24.93 -6.49 4.30
CA HIS B 388 -24.57 -6.73 2.90
C HIS B 388 -25.39 -5.77 2.06
N PRO B 389 -24.91 -4.54 1.93
CA PRO B 389 -25.68 -3.54 1.26
C PRO B 389 -25.72 -3.49 -0.26
N GLY B 390 -24.74 -4.08 -0.91
CA GLY B 390 -24.56 -3.82 -2.34
C GLY B 390 -24.02 -2.37 -2.28
N ARG B 391 -24.58 -1.46 -3.10
CA ARG B 391 -24.27 -0.04 -3.00
C ARG B 391 -25.21 0.63 -2.02
N GLY B 392 -26.19 -0.10 -1.48
CA GLY B 392 -27.12 0.39 -0.49
C GLY B 392 -28.28 1.18 -1.08
N ALA B 393 -29.02 1.81 -0.17
CA ALA B 393 -30.20 2.57 -0.61
C ALA B 393 -30.34 3.88 0.15
N ASN B 394 -30.22 4.97 -0.60
CA ASN B 394 -30.35 6.29 -0.02
C ASN B 394 -31.76 6.85 -0.19
N PHE B 395 -32.29 7.45 0.86
CA PHE B 395 -33.58 8.12 0.74
C PHE B 395 -33.70 9.14 1.87
N VAL B 396 -34.66 10.06 1.71
CA VAL B 396 -34.94 11.03 2.77
C VAL B 396 -36.06 10.45 3.63
N HIS B 397 -35.72 10.02 4.83
CA HIS B 397 -36.72 9.45 5.75
C HIS B 397 -37.57 10.62 6.23
N PRO B 398 -38.87 10.44 6.25
CA PRO B 398 -39.76 11.53 6.61
C PRO B 398 -39.46 12.18 7.93
N THR B 399 -38.99 11.47 8.95
CA THR B 399 -38.67 12.11 10.22
C THR B 399 -37.18 12.16 10.52
N PHE B 400 -36.40 11.19 10.05
CA PHE B 400 -34.98 11.18 10.36
C PHE B 400 -34.14 12.03 9.41
N GLY B 401 -34.62 12.34 8.22
CA GLY B 401 -33.79 13.07 7.26
C GLY B 401 -33.08 12.06 6.35
N PRO B 402 -32.08 12.52 5.62
CA PRO B 402 -31.31 11.65 4.73
C PRO B 402 -30.73 10.44 5.43
N VAL B 403 -30.97 9.24 4.89
CA VAL B 403 -30.44 8.04 5.47
C VAL B 403 -29.93 7.14 4.32
N TRP B 404 -29.13 6.17 4.71
CA TRP B 404 -28.69 5.09 3.83
C TRP B 404 -29.06 3.80 4.54
N ALA B 405 -29.58 2.84 3.76
CA ALA B 405 -30.03 1.58 4.30
C ALA B 405 -29.25 0.38 3.78
N THR B 406 -29.19 -0.63 4.62
CA THR B 406 -28.59 -1.91 4.29
C THR B 406 -29.46 -3.03 4.87
N SER B 407 -29.50 -4.16 4.15
CA SER B 407 -30.05 -5.37 4.71
C SER B 407 -28.88 -6.28 5.07
N HIS B 408 -29.18 -7.48 5.59
CA HIS B 408 -28.16 -8.38 6.12
C HIS B 408 -28.26 -9.80 5.60
N MET B 409 -27.09 -10.42 5.44
CA MET B 409 -27.09 -11.83 5.03
C MET B 409 -27.44 -12.73 6.21
N GLY B 410 -27.02 -12.36 7.40
CA GLY B 410 -27.13 -13.19 8.59
C GLY B 410 -28.38 -13.09 9.41
N ASP B 411 -29.27 -12.17 9.09
CA ASP B 411 -30.53 -12.03 9.79
C ASP B 411 -31.51 -11.26 8.91
N ASP B 412 -32.76 -11.08 9.35
CA ASP B 412 -33.76 -10.41 8.56
C ASP B 412 -33.81 -8.90 8.70
N SER B 413 -32.82 -8.28 9.33
CA SER B 413 -32.90 -6.87 9.59
C SER B 413 -32.45 -5.94 8.48
N VAL B 414 -33.09 -4.79 8.51
CA VAL B 414 -32.78 -3.64 7.68
C VAL B 414 -32.36 -2.51 8.63
N ALA B 415 -31.18 -1.93 8.43
CA ALA B 415 -30.72 -0.87 9.33
C ALA B 415 -30.61 0.43 8.54
N LEU B 416 -30.92 1.56 9.21
CA LEU B 416 -30.80 2.87 8.59
C LEU B 416 -29.76 3.70 9.33
N ILE B 417 -28.84 4.30 8.59
CA ILE B 417 -27.84 5.20 9.18
C ILE B 417 -28.07 6.62 8.68
N GLY B 418 -28.02 7.62 9.57
CA GLY B 418 -28.15 9.02 9.18
C GLY B 418 -26.97 9.50 8.35
N THR B 419 -27.19 10.24 7.28
CA THR B 419 -26.10 10.66 6.40
C THR B 419 -25.98 12.15 6.19
N ASP B 420 -26.45 12.94 7.15
CA ASP B 420 -26.50 14.38 7.02
C ASP B 420 -25.90 15.10 8.21
N PRO B 421 -24.57 15.16 8.28
CA PRO B 421 -23.89 15.79 9.41
C PRO B 421 -24.18 17.27 9.56
N GLU B 422 -24.37 18.01 8.47
CA GLU B 422 -24.66 19.43 8.60
C GLU B 422 -26.12 19.69 8.93
N GLY B 423 -27.05 18.94 8.32
CA GLY B 423 -28.45 19.28 8.43
C GLY B 423 -29.23 18.51 9.45
N HIS B 424 -28.78 17.31 9.84
CA HIS B 424 -29.42 16.52 10.89
C HIS B 424 -28.29 16.00 11.76
N PRO B 425 -27.64 16.89 12.49
CA PRO B 425 -26.40 16.56 13.19
C PRO B 425 -26.43 15.43 14.18
N ASP B 426 -27.44 15.40 15.05
CA ASP B 426 -27.53 14.32 16.04
C ASP B 426 -27.81 12.98 15.39
N ASN B 427 -28.45 12.95 14.22
CA ASN B 427 -28.73 11.69 13.55
C ASN B 427 -27.56 11.18 12.73
N ALA B 428 -26.56 12.02 12.45
CA ALA B 428 -25.51 11.61 11.54
C ALA B 428 -24.63 10.49 12.04
N TRP B 429 -24.49 9.49 11.17
CA TRP B 429 -23.64 8.33 11.39
C TRP B 429 -24.08 7.52 12.60
N LYS B 430 -25.36 7.56 12.94
CA LYS B 430 -25.93 6.79 14.01
C LYS B 430 -26.95 5.81 13.38
N ILE B 431 -27.07 4.62 13.92
CA ILE B 431 -28.11 3.70 13.45
C ILE B 431 -29.42 4.22 14.04
N LEU B 432 -30.33 4.67 13.20
CA LEU B 432 -31.56 5.30 13.62
C LEU B 432 -32.74 4.36 13.77
N ASP B 433 -32.68 3.27 13.01
CA ASP B 433 -33.77 2.30 13.08
C ASP B 433 -33.26 0.99 12.51
N SER B 434 -33.91 -0.08 12.96
CA SER B 434 -33.60 -1.43 12.53
C SER B 434 -34.92 -2.19 12.59
N PHE B 435 -35.29 -2.88 11.53
CA PHE B 435 -36.58 -3.58 11.48
C PHE B 435 -36.46 -4.78 10.55
N PRO B 436 -37.36 -5.74 10.72
CA PRO B 436 -37.32 -6.95 9.92
C PRO B 436 -37.97 -6.81 8.56
N ALA B 437 -37.40 -7.59 7.64
CA ALA B 437 -37.90 -7.74 6.28
C ALA B 437 -38.29 -9.21 6.11
N LEU B 438 -38.10 -9.85 4.97
CA LEU B 438 -38.63 -11.19 4.77
C LEU B 438 -37.98 -12.31 5.56
N GLY B 439 -36.67 -12.23 5.71
CA GLY B 439 -35.91 -13.26 6.41
C GLY B 439 -34.42 -13.06 6.13
N GLY B 440 -33.60 -13.95 6.67
CA GLY B 440 -32.17 -13.90 6.49
C GLY B 440 -31.75 -14.22 5.05
N GLY B 441 -30.48 -14.00 4.70
CA GLY B 441 -30.03 -14.33 3.36
C GLY B 441 -30.22 -13.19 2.36
N SER B 442 -30.42 -11.99 2.89
CA SER B 442 -30.62 -10.85 2.01
C SER B 442 -29.28 -10.40 1.43
N LEU B 443 -29.33 -9.97 0.17
CA LEU B 443 -28.14 -9.49 -0.50
C LEU B 443 -28.27 -8.05 -0.94
N PHE B 444 -29.45 -7.62 -1.41
CA PHE B 444 -29.57 -6.29 -2.00
C PHE B 444 -30.83 -5.58 -1.57
N ILE B 445 -30.67 -4.29 -1.25
CA ILE B 445 -31.68 -3.33 -0.90
C ILE B 445 -31.70 -2.24 -1.98
N LYS B 446 -32.87 -1.71 -2.33
CA LYS B 446 -32.92 -0.75 -3.42
C LYS B 446 -34.06 0.24 -3.36
N THR B 447 -33.72 1.45 -3.81
CA THR B 447 -34.69 2.52 -3.99
C THR B 447 -34.22 3.44 -5.09
N HIS B 448 -34.96 4.48 -5.37
CA HIS B 448 -34.65 5.46 -6.40
C HIS B 448 -35.31 6.77 -5.99
N PRO B 449 -34.73 7.91 -6.29
CA PRO B 449 -35.30 9.20 -5.90
C PRO B 449 -36.72 9.45 -6.36
N ASN B 450 -37.17 8.81 -7.44
CA ASN B 450 -38.52 8.97 -7.95
C ASN B 450 -39.48 7.96 -7.36
N SER B 451 -39.03 7.03 -6.53
CA SER B 451 -39.83 6.02 -5.90
C SER B 451 -40.09 6.33 -4.43
N GLN B 452 -41.21 5.88 -3.88
CA GLN B 452 -41.48 5.98 -2.47
C GLN B 452 -41.23 4.63 -1.78
N TYR B 453 -40.73 3.65 -2.55
CA TYR B 453 -40.55 2.30 -2.04
C TYR B 453 -39.12 1.83 -1.86
N LEU B 454 -38.95 0.99 -0.85
CA LEU B 454 -37.66 0.40 -0.48
C LEU B 454 -37.79 -1.11 -0.62
N TYR B 455 -37.06 -1.69 -1.56
CA TYR B 455 -37.16 -3.09 -1.91
C TYR B 455 -36.03 -3.93 -1.33
N VAL B 456 -36.34 -5.06 -0.70
CA VAL B 456 -35.33 -5.88 -0.06
C VAL B 456 -35.45 -7.35 -0.47
N ASP B 457 -34.41 -7.91 -1.05
CA ASP B 457 -34.47 -9.33 -1.42
C ASP B 457 -34.05 -10.24 -0.27
N ALA B 458 -34.11 -11.55 -0.53
CA ALA B 458 -33.76 -12.54 0.50
C ALA B 458 -33.20 -13.77 -0.20
N THR B 459 -32.33 -13.52 -1.15
CA THR B 459 -31.80 -14.48 -2.10
C THR B 459 -31.30 -15.79 -1.53
N LEU B 460 -30.53 -15.72 -0.46
CA LEU B 460 -29.93 -16.92 0.12
C LEU B 460 -30.76 -17.57 1.21
N ASN B 461 -31.99 -17.14 1.45
CA ASN B 461 -32.81 -17.78 2.48
C ASN B 461 -33.03 -19.24 2.07
N PRO B 462 -33.05 -20.14 3.04
CA PRO B 462 -33.26 -21.55 2.76
C PRO B 462 -34.67 -21.91 2.34
N GLU B 463 -35.63 -21.07 2.71
CA GLU B 463 -37.04 -21.24 2.42
C GLU B 463 -37.35 -20.74 1.01
N ALA B 464 -37.87 -21.59 0.11
CA ALA B 464 -38.12 -21.15 -1.26
C ALA B 464 -39.12 -20.01 -1.38
N GLU B 465 -40.14 -19.98 -0.52
CA GLU B 465 -41.16 -18.94 -0.56
C GLU B 465 -40.54 -17.56 -0.27
N ILE B 466 -39.55 -17.54 0.61
CA ILE B 466 -38.84 -16.32 0.93
C ILE B 466 -37.80 -15.93 -0.10
N SER B 467 -36.99 -16.86 -0.60
CA SER B 467 -35.94 -16.62 -1.55
C SER B 467 -36.48 -16.20 -2.92
N GLY B 468 -37.73 -16.61 -3.19
CA GLY B 468 -38.36 -16.21 -4.45
C GLY B 468 -39.24 -14.98 -4.29
N SER B 469 -39.12 -14.25 -3.18
CA SER B 469 -39.92 -13.07 -2.96
C SER B 469 -39.08 -11.87 -2.53
N VAL B 470 -39.67 -10.68 -2.56
CA VAL B 470 -39.02 -9.45 -2.13
C VAL B 470 -39.97 -8.69 -1.20
N ALA B 471 -39.41 -8.01 -0.20
CA ALA B 471 -40.19 -7.18 0.70
C ALA B 471 -40.15 -5.74 0.20
N VAL B 472 -41.26 -5.02 0.31
CA VAL B 472 -41.32 -3.64 -0.14
C VAL B 472 -41.92 -2.76 0.95
N PHE B 473 -41.13 -1.81 1.42
CA PHE B 473 -41.54 -0.87 2.46
C PHE B 473 -41.93 0.46 1.82
N ASP B 474 -42.91 1.13 2.41
CA ASP B 474 -43.38 2.43 1.94
C ASP B 474 -42.68 3.52 2.73
N ILE B 475 -41.67 4.16 2.12
CA ILE B 475 -40.91 5.21 2.78
C ILE B 475 -41.81 6.34 3.27
N LYS B 476 -42.85 6.71 2.54
CA LYS B 476 -43.74 7.77 2.99
C LYS B 476 -44.45 7.46 4.30
N ALA B 477 -44.70 6.19 4.60
CA ALA B 477 -45.41 5.80 5.82
C ALA B 477 -44.46 5.58 7.00
N MET B 478 -43.15 5.70 6.80
CA MET B 478 -42.24 5.52 7.91
C MET B 478 -42.35 6.68 8.90
N THR B 479 -42.43 6.33 10.17
CA THR B 479 -42.62 7.37 11.19
C THR B 479 -41.44 7.50 12.12
N GLY B 480 -40.55 6.52 12.10
CA GLY B 480 -39.45 6.49 13.05
C GLY B 480 -39.99 6.65 14.48
N ASP B 481 -41.09 5.96 14.82
CA ASP B 481 -41.65 6.00 16.15
C ASP B 481 -41.12 4.82 16.98
N GLY B 482 -40.28 4.00 16.36
CA GLY B 482 -39.67 2.85 16.99
C GLY B 482 -40.35 1.55 16.59
N SER B 483 -41.60 1.63 16.13
CA SER B 483 -42.33 0.44 15.72
C SER B 483 -41.67 -0.13 14.46
N ASP B 484 -42.10 -1.33 14.03
CA ASP B 484 -41.53 -1.86 12.80
C ASP B 484 -42.44 -1.57 11.63
N PRO B 485 -41.91 -0.95 10.58
CA PRO B 485 -42.67 -0.66 9.39
C PRO B 485 -43.17 -1.94 8.73
N GLU B 486 -44.43 -1.93 8.28
CA GLU B 486 -44.98 -3.09 7.59
C GLU B 486 -44.36 -3.16 6.19
N PHE B 487 -44.36 -4.34 5.58
CA PHE B 487 -43.93 -4.46 4.20
C PHE B 487 -44.92 -5.30 3.40
N LYS B 488 -44.96 -5.07 2.11
CA LYS B 488 -45.72 -5.85 1.15
C LYS B 488 -44.78 -6.92 0.62
N THR B 489 -45.26 -8.13 0.41
CA THR B 489 -44.42 -9.20 -0.14
C THR B 489 -44.78 -9.39 -1.61
N LEU B 490 -43.82 -9.25 -2.50
CA LEU B 490 -44.03 -9.47 -3.92
C LEU B 490 -43.52 -10.87 -4.24
N PRO B 491 -44.39 -11.72 -4.81
CA PRO B 491 -44.04 -13.08 -5.15
C PRO B 491 -43.36 -13.13 -6.50
N ILE B 492 -42.14 -12.61 -6.58
CA ILE B 492 -41.45 -12.45 -7.86
C ILE B 492 -41.27 -13.73 -8.64
N ALA B 493 -40.75 -14.80 -8.03
CA ALA B 493 -40.58 -16.06 -8.75
C ALA B 493 -41.92 -16.64 -9.22
N GLU B 494 -42.94 -16.56 -8.38
CA GLU B 494 -44.28 -17.04 -8.78
C GLU B 494 -44.81 -16.24 -9.95
N TRP B 495 -44.57 -14.92 -10.00
CA TRP B 495 -44.98 -14.08 -11.11
C TRP B 495 -44.32 -14.47 -12.42
N ALA B 496 -43.10 -14.99 -12.33
CA ALA B 496 -42.36 -15.44 -13.49
C ALA B 496 -42.84 -16.82 -13.94
N GLY B 497 -43.63 -17.50 -13.13
CA GLY B 497 -44.13 -18.82 -13.49
C GLY B 497 -43.04 -19.87 -13.31
N ILE B 498 -42.07 -19.62 -12.42
CA ILE B 498 -40.97 -20.55 -12.22
C ILE B 498 -40.91 -21.08 -10.81
N THR B 499 -41.05 -22.40 -10.69
CA THR B 499 -40.93 -23.10 -9.42
C THR B 499 -39.94 -24.25 -9.62
N GLU B 500 -39.85 -24.70 -10.88
CA GLU B 500 -38.96 -25.78 -11.25
C GLU B 500 -37.53 -25.46 -10.78
N GLY B 501 -36.84 -26.48 -10.29
CA GLY B 501 -35.48 -26.33 -9.83
C GLY B 501 -35.45 -25.50 -8.54
N GLN B 502 -34.49 -24.56 -8.51
CA GLN B 502 -34.32 -23.71 -7.34
C GLN B 502 -34.11 -22.25 -7.68
N PRO B 503 -35.19 -21.57 -8.03
CA PRO B 503 -35.13 -20.17 -8.40
C PRO B 503 -34.86 -19.30 -7.18
N ARG B 504 -33.88 -18.39 -7.33
CA ARG B 504 -33.56 -17.45 -6.27
C ARG B 504 -33.61 -16.01 -6.84
N VAL B 505 -34.48 -15.21 -6.21
CA VAL B 505 -34.64 -13.82 -6.67
C VAL B 505 -33.55 -12.92 -6.13
N VAL B 506 -32.94 -12.13 -7.01
CA VAL B 506 -31.84 -11.28 -6.59
C VAL B 506 -31.77 -9.94 -7.29
N GLN B 507 -31.44 -8.94 -6.50
CA GLN B 507 -31.06 -7.60 -6.85
C GLN B 507 -32.03 -6.72 -7.62
N GLY B 508 -32.65 -5.76 -6.95
CA GLY B 508 -33.50 -4.80 -7.65
C GLY B 508 -32.62 -3.78 -8.37
N GLU B 509 -33.05 -3.36 -9.56
CA GLU B 509 -32.36 -2.34 -10.34
C GLU B 509 -33.42 -1.52 -11.06
N PHE B 510 -33.40 -0.21 -10.92
CA PHE B 510 -34.40 0.63 -11.57
C PHE B 510 -34.01 1.08 -12.99
N ASN B 511 -35.08 1.46 -13.74
CA ASN B 511 -34.85 2.06 -15.05
C ASN B 511 -34.41 3.50 -14.84
N LYS B 512 -34.13 4.22 -15.91
CA LYS B 512 -33.61 5.58 -15.79
C LYS B 512 -34.58 6.54 -15.13
N ASP B 513 -35.88 6.35 -15.37
CA ASP B 513 -36.89 7.24 -14.81
C ASP B 513 -37.29 6.88 -13.40
N GLY B 514 -36.84 5.74 -12.87
CA GLY B 514 -37.22 5.34 -11.53
C GLY B 514 -38.70 4.96 -11.43
N THR B 515 -39.28 4.45 -12.51
CA THR B 515 -40.69 4.09 -12.51
C THR B 515 -40.92 2.59 -12.54
N GLU B 516 -39.89 1.81 -12.82
CA GLU B 516 -39.95 0.36 -12.89
C GLU B 516 -38.68 -0.21 -12.25
N VAL B 517 -38.80 -1.33 -11.60
CA VAL B 517 -37.70 -1.99 -10.90
C VAL B 517 -37.61 -3.43 -11.38
N TRP B 518 -36.43 -3.89 -11.75
CA TRP B 518 -36.24 -5.24 -12.25
C TRP B 518 -35.59 -6.14 -11.20
N PHE B 519 -35.96 -7.41 -11.22
CA PHE B 519 -35.38 -8.44 -10.35
C PHE B 519 -34.98 -9.61 -11.24
N SER B 520 -33.90 -10.28 -10.89
CA SER B 520 -33.48 -11.49 -11.56
C SER B 520 -34.09 -12.70 -10.83
N VAL B 521 -34.63 -13.61 -11.63
CA VAL B 521 -35.06 -14.92 -11.13
C VAL B 521 -33.97 -15.89 -11.58
N TRP B 522 -33.01 -16.08 -10.67
CA TRP B 522 -31.81 -16.87 -10.94
C TRP B 522 -31.99 -18.34 -10.66
N ASN B 523 -32.04 -19.09 -11.75
CA ASN B 523 -32.16 -20.53 -11.70
C ASN B 523 -30.88 -21.14 -12.25
N GLY B 524 -30.71 -22.46 -12.08
CA GLY B 524 -29.52 -23.11 -12.61
C GLY B 524 -29.41 -23.00 -14.12
N LYS B 525 -28.23 -23.28 -14.67
CA LYS B 525 -27.96 -23.15 -16.10
C LYS B 525 -28.76 -24.06 -17.00
N ASP B 526 -29.20 -25.20 -16.49
CA ASP B 526 -30.05 -26.09 -17.27
C ASP B 526 -31.52 -25.96 -16.91
N GLN B 527 -31.87 -24.89 -16.18
CA GLN B 527 -33.23 -24.64 -15.75
C GLN B 527 -33.70 -23.32 -16.36
N GLU B 528 -34.97 -23.02 -16.18
CA GLU B 528 -35.52 -21.78 -16.73
C GLU B 528 -35.34 -20.63 -15.74
N SER B 529 -34.81 -19.51 -16.24
CA SER B 529 -34.71 -18.30 -15.41
C SER B 529 -35.59 -17.22 -16.04
N ALA B 530 -35.59 -16.02 -15.45
CA ALA B 530 -36.37 -14.93 -15.98
C ALA B 530 -35.91 -13.61 -15.34
N LEU B 531 -36.31 -12.49 -15.92
CA LEU B 531 -36.19 -11.20 -15.29
C LEU B 531 -37.63 -10.72 -15.07
N VAL B 532 -37.90 -10.15 -13.90
CA VAL B 532 -39.24 -9.69 -13.61
C VAL B 532 -39.23 -8.18 -13.47
N VAL B 533 -40.07 -7.52 -14.24
CA VAL B 533 -40.17 -6.05 -14.17
C VAL B 533 -41.42 -5.70 -13.40
N VAL B 534 -41.26 -4.92 -12.33
CA VAL B 534 -42.31 -4.47 -11.45
C VAL B 534 -42.61 -3.00 -11.69
N ASP B 535 -43.93 -2.70 -11.76
CA ASP B 535 -44.34 -1.31 -11.90
C ASP B 535 -44.24 -0.65 -10.52
N ASP B 536 -43.32 0.28 -10.34
CA ASP B 536 -43.05 0.88 -9.04
C ASP B 536 -44.24 1.65 -8.48
N LYS B 537 -45.10 2.21 -9.33
CA LYS B 537 -46.23 2.96 -8.81
C LYS B 537 -47.32 2.07 -8.22
N THR B 538 -47.54 0.91 -8.80
CA THR B 538 -48.63 0.04 -8.37
C THR B 538 -48.19 -1.18 -7.59
N LEU B 539 -46.90 -1.48 -7.66
CA LEU B 539 -46.30 -2.65 -7.04
C LEU B 539 -46.89 -3.92 -7.64
N GLU B 540 -47.28 -3.84 -8.92
CA GLU B 540 -47.80 -5.01 -9.61
C GLU B 540 -46.83 -5.44 -10.70
N LEU B 541 -46.96 -6.68 -11.14
CA LEU B 541 -46.18 -7.23 -12.24
C LEU B 541 -46.40 -6.46 -13.52
N LYS B 542 -45.35 -6.05 -14.19
CA LYS B 542 -45.44 -5.34 -15.46
C LYS B 542 -45.13 -6.32 -16.59
N HIS B 543 -43.95 -6.94 -16.53
CA HIS B 543 -43.49 -7.78 -17.62
C HIS B 543 -42.49 -8.82 -17.16
N VAL B 544 -42.52 -9.98 -17.80
CA VAL B 544 -41.57 -11.06 -17.55
C VAL B 544 -40.71 -11.25 -18.79
N ILE B 545 -39.39 -11.21 -18.56
CA ILE B 545 -38.43 -11.41 -19.64
C ILE B 545 -37.94 -12.85 -19.57
N LYS B 546 -38.20 -13.59 -20.65
CA LYS B 546 -37.77 -14.99 -20.74
C LYS B 546 -37.15 -15.19 -22.12
N ASP B 547 -36.13 -16.02 -22.17
CA ASP B 547 -35.44 -16.27 -23.44
C ASP B 547 -34.58 -17.49 -23.23
N GLU B 548 -34.44 -18.33 -24.28
CA GLU B 548 -33.56 -19.48 -24.14
C GLU B 548 -32.11 -19.09 -23.88
N ARG B 549 -31.69 -17.90 -24.30
CA ARG B 549 -30.36 -17.41 -24.04
C ARG B 549 -30.18 -16.87 -22.64
N LEU B 550 -31.26 -16.66 -21.88
CA LEU B 550 -31.15 -16.05 -20.56
C LEU B 550 -30.75 -17.06 -19.49
N VAL B 551 -29.47 -17.40 -19.55
CA VAL B 551 -28.89 -18.40 -18.67
C VAL B 551 -28.36 -17.77 -17.41
N THR B 552 -28.82 -18.25 -16.26
CA THR B 552 -28.34 -17.79 -14.96
C THR B 552 -28.19 -16.29 -14.85
N PRO B 553 -29.26 -15.52 -15.03
CA PRO B 553 -29.22 -14.07 -14.91
C PRO B 553 -29.00 -13.66 -13.46
N THR B 554 -28.00 -12.80 -13.26
CA THR B 554 -27.70 -12.30 -11.93
C THR B 554 -27.71 -10.78 -11.89
N GLY B 555 -26.57 -10.11 -11.88
CA GLY B 555 -26.55 -8.66 -11.79
C GLY B 555 -27.17 -8.01 -13.02
N LYS B 556 -27.87 -6.92 -12.77
CA LYS B 556 -28.46 -6.05 -13.80
C LYS B 556 -28.09 -4.62 -13.50
N PHE B 557 -27.59 -3.90 -14.51
CA PHE B 557 -27.17 -2.51 -14.30
C PHE B 557 -27.71 -1.60 -15.37
N ASN B 558 -28.53 -0.63 -14.95
CA ASN B 558 -29.07 0.38 -15.87
C ASN B 558 -27.96 1.39 -16.14
N VAL B 559 -27.80 1.78 -17.40
CA VAL B 559 -26.68 2.64 -17.78
C VAL B 559 -26.71 3.96 -17.01
N TYR B 560 -27.84 4.66 -17.04
CA TYR B 560 -27.91 5.94 -16.37
C TYR B 560 -27.66 5.84 -14.87
N ASN B 561 -28.32 4.90 -14.21
CA ASN B 561 -28.18 4.79 -12.75
C ASN B 561 -26.79 4.36 -12.32
N THR B 562 -26.08 3.61 -13.16
CA THR B 562 -24.72 3.19 -12.85
C THR B 562 -23.73 4.29 -13.16
N MET B 563 -23.88 4.98 -14.30
CA MET B 563 -22.96 6.07 -14.65
C MET B 563 -22.98 7.19 -13.62
N THR B 564 -24.16 7.43 -13.04
CA THR B 564 -24.35 8.57 -12.15
C THR B 564 -24.38 8.20 -10.66
N ASP B 565 -24.23 6.92 -10.34
CA ASP B 565 -24.31 6.50 -8.95
C ASP B 565 -25.61 6.91 -8.30
N THR B 566 -26.72 6.64 -8.99
CA THR B 566 -28.04 6.96 -8.47
C THR B 566 -28.66 5.74 -7.78
N TYR B 567 -28.61 5.77 -6.45
CA TYR B 567 -29.10 4.70 -5.61
C TYR B 567 -29.30 5.18 -4.18
#